data_8DK5
#
_entry.id   8DK5
#
_cell.length_a   1.00
_cell.length_b   1.00
_cell.length_c   1.00
_cell.angle_alpha   90.00
_cell.angle_beta   90.00
_cell.angle_gamma   90.00
#
_symmetry.space_group_name_H-M   'P 1'
#
loop_
_entity.id
_entity.type
_entity.pdbx_description
1 polymer 'Histone H3.1'
2 polymer 'Histone H4'
3 polymer 'Histone H2A type 2-C'
4 polymer 'Histone H2B type 2-E'
5 polymer 'Single-chain variable fragment'
6 polymer 'DNA (187-MER)'
7 polymer 'DNA (187-MER)'
#
loop_
_entity_poly.entity_id
_entity_poly.type
_entity_poly.pdbx_seq_one_letter_code
_entity_poly.pdbx_strand_id
1 'polypeptide(L)'
;MARTKQTARKSTGGKAPRKQLATKAARKSAPATGGVKKPHRYRPGTVALREIRRYQKSTELLIRKLPFQRLVREIAQDFK
TDLRFQSSAVMALQEACEAYLVGLFEDTNLCAIHAKRVTIMPKDIQLARRIRGERA
;
A,E
2 'polypeptide(L)'
;MSGRGKGGKGLGKGGAKRHRKVLRDNIQGITKPAIRRLARRGGVKRISGLIYEETRGVLKVFLENVIRDAVTYTEHAKRK
TVTAMDVVYALKRQGRTLYGFGG
;
B,F
3 'polypeptide(L)'
;MSGRGKQGGKARAKAKSRSSRAGLQFPVGRVHRLLRKGNYAERVGAGAPVYMAAVLEYLTAEILELAGNAARDNKKTRII
PRHLQLAIRNDEELNKLLGKVTIAQGGVLPNIQAVLLPKKTESHKAKSK
;
C,G
4 'polypeptide(L)'
;MPEPAKSAPAPKKGSKKAVTKAQKKDGKKRKRSRKESYSIYVYKVLKQVHPDTGISSKAMGIMNSFVNDIFERIAGEASR
LAHYNKRSTITSREIQTAVRLLLPGELAKHAVSEGTKAVTKYTSSK
;
D,H
5 'polypeptide(L)'
;MKSSHHHHHHENLYFQSNAMEVQLQQSGPELVEPGTSVKMPCKASGYTFTSYTIQWVKQTPRQGLEWIGYIYPYNAGTKY
NEKFKGKATLTSDKSSSTVYMELSSLTSEDSAVYYCARKSSRLRSTLDYWGQGTSVTVSSGGGGSGGGGSGGGGSMDIKM
TQSPSSMHASLGERVTITCKASQDIRSYLSWYQQKPWKSPKTLIYYATSLADGVPSRFSGSGSGQDFSLTINNLESDDTA
TYYCLQHGESPYTFGSGTKLEIKRA
;
K,N
6 'polydeoxyribonucleotide'
;(DG)(DC)(DA)(DT)(DA)(DA)(DG)(DT)(DT)(DA)(DA)(DG)(DT)(DG)(DG)(DA)(DG)(DA)(DG)(DA)
(DA)(DA)(DG)(DA)(DA)(DT)(DC)(DC)(DT)(DC)(DA)(DG)(DT)(DG)(DG)(DT)(DG)(DA)(DG)(DT)
(DA)(DT)(DT)(DA)(DA)(DC)(DA)(DT)(DG)(DG)(DA)(DA)(DC)(DT)(DT)(DA)(DC)(DT)(DC)(DC)
(DA)(DA)(DC)(DA)(DA)(DT)(DA)(DC)(DA)(DG)(DA)(DT)(DG)(DC)(DT)(DG)(DA)(DA)(DT)(DA)
(DA)(DA)(DT)(DG)(DT)(DA)(DG)(DT)(DC)(DT)(DA)(DA)(DG)(DT)(DG)(DA)(DA)(DG)(DG)(DA)
(DA)(DG)(DA)(DA)(DG)(DG)(DA)(DA)(DA)(DG)(DG)(DT)(DG)(DG)(DG)(DA)(DG)(DC)(DT)(DG)
(DC)(DC)(DA)(DT)(DC)(DA)(DC)(DT)(DC)(DA)(DG)(DA)(DA)(DT)(DT)(DG)(DT)(DC)(DC)(DA)
(DG)(DC)(DA)(DG)(DG)(DG)(DA)(DT)(DT)(DG)(DT)(DG)(DC)(DA)(DA)(DG)(DC)(DT)(DT)(DG)
(DT)(DG)(DA)(DA)(DT)(DA)(DA)(DA)(DG)(DA)(DC)(DA)(DC)(DA)(DT)(DA)(DC)(DT)(DT)(DC)
(DA)(DT)(DG)(DT)(DA)(DG)(DT)
;
I
7 'polydeoxyribonucleotide'
;(DA)(DC)(DT)(DA)(DC)(DA)(DT)(DG)(DA)(DA)(DG)(DT)(DA)(DT)(DG)(DT)(DG)(DT)(DC)(DT)
(DT)(DT)(DA)(DT)(DT)(DC)(DA)(DC)(DA)(DA)(DG)(DC)(DT)(DT)(DG)(DC)(DA)(DC)(DA)(DA)
(DT)(DC)(DC)(DC)(DT)(DG)(DC)(DT)(DG)(DG)(DA)(DC)(DA)(DA)(DT)(DT)(DC)(DT)(DG)(DA)
(DG)(DT)(DG)(DA)(DT)(DG)(DG)(DC)(DA)(DG)(DC)(DT)(DC)(DC)(DC)(DA)(DC)(DC)(DT)(DT)
(DT)(DC)(DC)(DT)(DT)(DC)(DT)(DT)(DC)(DC)(DT)(DT)(DC)(DA)(DC)(DT)(DT)(DA)(DG)(DA)
(DC)(DT)(DA)(DC)(DA)(DT)(DT)(DT)(DA)(DT)(DT)(DC)(DA)(DG)(DC)(DA)(DT)(DC)(DT)(DG)
(DT)(DA)(DT)(DT)(DG)(DT)(DT)(DG)(DG)(DA)(DG)(DT)(DA)(DA)(DG)(DT)(DT)(DC)(DC)(DA)
(DT)(DG)(DT)(DT)(DA)(DA)(DT)(DA)(DC)(DT)(DC)(DA)(DC)(DC)(DA)(DC)(DT)(DG)(DA)(DG)
(DG)(DA)(DT)(DT)(DC)(DT)(DT)(DT)(DC)(DT)(DC)(DT)(DC)(DC)(DA)(DC)(DT)(DT)(DA)(DA)
(DC)(DT)(DT)(DA)(DT)(DG)(DC)
;
J
#
loop_
_chem_comp.id
_chem_comp.type
_chem_comp.name
_chem_comp.formula
DA DNA linking 2'-DEOXYADENOSINE-5'-MONOPHOSPHATE 'C10 H14 N5 O6 P'
DC DNA linking 2'-DEOXYCYTIDINE-5'-MONOPHOSPHATE 'C9 H14 N3 O7 P'
DG DNA linking 2'-DEOXYGUANOSINE-5'-MONOPHOSPHATE 'C10 H14 N5 O7 P'
DT DNA linking THYMIDINE-5'-MONOPHOSPHATE 'C10 H15 N2 O8 P'
#
# COMPACT_ATOMS: atom_id res chain seq x y z
N PRO A 39 -16.90 23.75 44.95
CA PRO A 39 -15.68 23.03 44.60
C PRO A 39 -14.98 23.61 43.37
N HIS A 40 -14.02 22.88 42.84
CA HIS A 40 -13.30 23.28 41.63
C HIS A 40 -13.67 22.36 40.48
N ARG A 41 -13.91 22.92 39.31
CA ARG A 41 -14.30 22.12 38.16
C ARG A 41 -13.80 22.71 36.86
N TYR A 42 -13.04 21.89 36.11
CA TYR A 42 -12.50 22.31 34.83
C TYR A 42 -13.61 22.36 33.79
N ARG A 43 -13.55 23.37 32.92
CA ARG A 43 -14.48 23.45 31.80
C ARG A 43 -14.18 22.34 30.81
N PRO A 44 -15.18 21.88 30.06
CA PRO A 44 -14.96 20.78 29.10
C PRO A 44 -13.98 21.15 28.00
N GLY A 45 -13.13 20.19 27.65
CA GLY A 45 -12.07 20.39 26.69
C GLY A 45 -10.71 20.65 27.31
N THR A 46 -10.65 21.02 28.58
CA THR A 46 -9.38 21.27 29.24
C THR A 46 -8.72 19.96 29.64
N VAL A 47 -9.45 19.11 30.36
CA VAL A 47 -8.95 17.79 30.75
C VAL A 47 -8.78 16.90 29.52
N ALA A 48 -9.58 17.14 28.47
CA ALA A 48 -9.40 16.41 27.22
C ALA A 48 -8.07 16.74 26.57
N LEU A 49 -7.70 18.03 26.54
CA LEU A 49 -6.41 18.42 25.97
C LEU A 49 -5.25 17.96 26.84
N ARG A 50 -5.45 17.95 28.16
CA ARG A 50 -4.46 17.38 29.07
C ARG A 50 -4.26 15.90 28.83
N GLU A 51 -5.35 15.16 28.57
CA GLU A 51 -5.26 13.74 28.26
C GLU A 51 -4.58 13.51 26.92
N ILE A 52 -4.83 14.39 25.95
CA ILE A 52 -4.16 14.29 24.64
C ILE A 52 -2.65 14.45 24.80
N ARG A 53 -2.24 15.47 25.58
CA ARG A 53 -0.81 15.69 25.83
C ARG A 53 -0.19 14.54 26.60
N ARG A 54 -0.91 14.00 27.60
CA ARG A 54 -0.37 12.94 28.43
C ARG A 54 -0.22 11.63 27.65
N TYR A 55 -1.23 11.26 26.87
CA TYR A 55 -1.17 10.00 26.12
C TYR A 55 -0.41 10.13 24.81
N GLN A 56 -0.07 11.34 24.37
CA GLN A 56 0.87 11.49 23.29
C GLN A 56 2.32 11.57 23.78
N LYS A 57 2.52 11.93 25.04
CA LYS A 57 3.86 11.92 25.62
C LYS A 57 4.37 10.53 25.96
N SER A 58 3.49 9.60 26.33
CA SER A 58 3.88 8.29 26.81
C SER A 58 3.84 7.27 25.67
N THR A 59 4.36 6.07 25.96
CA THR A 59 4.43 4.99 24.99
C THR A 59 3.79 3.70 25.44
N GLU A 60 3.28 3.62 26.68
CA GLU A 60 2.69 2.39 27.18
C GLU A 60 1.37 2.09 26.50
N LEU A 61 1.00 0.81 26.49
CA LEU A 61 -0.22 0.37 25.82
C LEU A 61 -1.45 0.80 26.60
N LEU A 62 -2.52 1.11 25.87
CA LEU A 62 -3.70 1.73 26.45
C LEU A 62 -4.83 0.75 26.72
N ILE A 63 -4.83 -0.42 26.09
CA ILE A 63 -5.79 -1.47 26.38
C ILE A 63 -5.18 -2.39 27.42
N ARG A 64 -6.00 -2.84 28.38
CA ARG A 64 -5.56 -3.83 29.35
C ARG A 64 -5.25 -5.16 28.65
N LYS A 65 -4.27 -5.88 29.18
CA LYS A 65 -3.70 -7.03 28.48
C LYS A 65 -4.64 -8.23 28.50
N LEU A 66 -5.29 -8.50 29.63
CA LEU A 66 -6.18 -9.65 29.75
C LEU A 66 -7.42 -9.61 28.84
N PRO A 67 -8.19 -8.50 28.73
CA PRO A 67 -9.30 -8.51 27.75
C PRO A 67 -8.86 -8.66 26.31
N PHE A 68 -7.70 -8.09 25.95
CA PHE A 68 -7.18 -8.27 24.61
C PHE A 68 -6.75 -9.71 24.36
N GLN A 69 -6.17 -10.36 25.39
CA GLN A 69 -5.80 -11.76 25.28
C GLN A 69 -7.01 -12.66 25.10
N ARG A 70 -8.08 -12.38 25.84
CA ARG A 70 -9.32 -13.15 25.70
C ARG A 70 -9.96 -12.93 24.33
N LEU A 71 -9.92 -11.69 23.84
CA LEU A 71 -10.45 -11.38 22.51
C LEU A 71 -9.66 -12.08 21.42
N VAL A 72 -8.32 -12.09 21.54
CA VAL A 72 -7.46 -12.76 20.57
C VAL A 72 -7.74 -14.27 20.56
N ARG A 73 -7.90 -14.86 21.75
CA ARG A 73 -8.17 -16.29 21.84
C ARG A 73 -9.53 -16.65 21.25
N GLU A 74 -10.56 -15.83 21.51
CA GLU A 74 -11.88 -16.15 20.96
C GLU A 74 -11.93 -15.94 19.45
N ILE A 75 -11.24 -14.92 18.94
CA ILE A 75 -11.17 -14.71 17.49
C ILE A 75 -10.42 -15.85 16.82
N ALA A 76 -9.35 -16.33 17.46
CA ALA A 76 -8.62 -17.47 16.90
C ALA A 76 -9.35 -18.79 17.08
N GLN A 77 -10.37 -18.85 17.94
CA GLN A 77 -11.15 -20.07 18.10
C GLN A 77 -11.93 -20.43 16.84
N ASP A 78 -12.30 -19.44 16.02
CA ASP A 78 -13.06 -19.71 14.81
C ASP A 78 -12.19 -20.28 13.68
N PHE A 79 -10.90 -20.19 13.80
CA PHE A 79 -10.01 -20.72 12.81
C PHE A 79 -9.33 -22.00 13.25
N LYS A 80 -9.12 -22.19 14.54
CA LYS A 80 -8.50 -23.36 15.09
C LYS A 80 -9.31 -23.72 16.32
N THR A 81 -9.50 -25.01 16.56
CA THR A 81 -10.31 -25.42 17.70
C THR A 81 -9.54 -25.37 19.02
N ASP A 82 -8.28 -25.79 19.02
CA ASP A 82 -7.49 -25.82 20.26
C ASP A 82 -6.04 -25.49 19.88
N LEU A 83 -5.68 -24.23 20.04
CA LEU A 83 -4.35 -23.76 19.71
C LEU A 83 -3.84 -22.82 20.79
N ARG A 84 -2.53 -22.84 21.01
CA ARG A 84 -1.92 -22.01 22.04
C ARG A 84 -1.33 -20.75 21.43
N PHE A 85 -0.96 -19.82 22.29
CA PHE A 85 -0.45 -18.52 21.89
C PHE A 85 0.80 -18.20 22.70
N GLN A 86 1.84 -17.75 22.02
CA GLN A 86 2.99 -17.19 22.72
C GLN A 86 2.60 -15.86 23.35
N SER A 87 3.30 -15.50 24.42
CA SER A 87 3.07 -14.20 25.06
C SER A 87 3.50 -13.07 24.14
N SER A 88 4.58 -13.29 23.40
CA SER A 88 5.09 -12.30 22.46
C SER A 88 4.11 -12.11 21.31
N ALA A 89 3.42 -13.19 20.92
CA ALA A 89 2.45 -13.12 19.83
C ALA A 89 1.28 -12.20 20.19
N VAL A 90 0.75 -12.36 21.41
CA VAL A 90 -0.33 -11.49 21.88
C VAL A 90 0.18 -10.07 22.07
N MET A 91 1.43 -9.91 22.50
CA MET A 91 2.00 -8.59 22.68
C MET A 91 2.18 -7.87 21.34
N ALA A 92 2.65 -8.59 20.32
CA ALA A 92 2.78 -8.02 18.99
C ALA A 92 1.43 -7.67 18.39
N LEU A 93 0.42 -8.52 18.63
CA LEU A 93 -0.95 -8.24 18.19
C LEU A 93 -1.49 -6.98 18.85
N GLN A 94 -1.21 -6.80 20.15
CA GLN A 94 -1.69 -5.63 20.87
C GLN A 94 -1.01 -4.35 20.38
N GLU A 95 0.32 -4.41 20.14
CA GLU A 95 1.03 -3.24 19.64
C GLU A 95 0.53 -2.85 18.25
N ALA A 96 0.32 -3.83 17.37
CA ALA A 96 -0.16 -3.55 16.03
C ALA A 96 -1.59 -3.00 16.03
N CYS A 97 -2.46 -3.57 16.88
CA CYS A 97 -3.84 -3.12 16.93
C CYS A 97 -3.96 -1.72 17.51
N GLU A 98 -3.17 -1.41 18.55
CA GLU A 98 -3.20 -0.08 19.14
C GLU A 98 -2.63 0.96 18.18
N ALA A 99 -1.57 0.61 17.44
CA ALA A 99 -1.02 1.54 16.45
C ALA A 99 -1.99 1.80 15.32
N TYR A 100 -2.68 0.73 14.85
CA TYR A 100 -3.69 0.89 13.82
C TYR A 100 -4.85 1.77 14.28
N LEU A 101 -5.29 1.57 15.52
CA LEU A 101 -6.40 2.35 16.04
C LEU A 101 -6.01 3.81 16.26
N VAL A 102 -4.78 4.07 16.68
CA VAL A 102 -4.31 5.45 16.85
C VAL A 102 -4.20 6.16 15.51
N GLY A 103 -3.67 5.48 14.48
CA GLY A 103 -3.62 6.08 13.15
C GLY A 103 -4.99 6.33 12.54
N LEU A 104 -5.93 5.40 12.77
CA LEU A 104 -7.28 5.59 12.27
C LEU A 104 -8.00 6.71 13.02
N PHE A 105 -7.70 6.89 14.31
CA PHE A 105 -8.27 8.00 15.05
C PHE A 105 -7.67 9.33 14.62
N GLU A 106 -6.40 9.33 14.18
CA GLU A 106 -5.81 10.54 13.60
C GLU A 106 -6.53 10.94 12.31
N ASP A 107 -6.77 9.96 11.42
CA ASP A 107 -7.49 10.26 10.18
C ASP A 107 -8.94 10.64 10.45
N THR A 108 -9.55 10.03 11.47
CA THR A 108 -10.90 10.36 11.89
C THR A 108 -11.01 11.79 12.40
N ASN A 109 -10.02 12.22 13.19
CA ASN A 109 -9.98 13.60 13.68
C ASN A 109 -9.79 14.58 12.53
N LEU A 110 -8.97 14.22 11.54
CA LEU A 110 -8.82 15.07 10.35
C LEU A 110 -10.13 15.19 9.57
N CYS A 111 -10.87 14.10 9.45
CA CYS A 111 -12.18 14.14 8.79
C CYS A 111 -13.17 15.01 9.56
N ALA A 112 -13.15 14.91 10.90
CA ALA A 112 -14.06 15.71 11.73
C ALA A 112 -13.74 17.19 11.63
N ILE A 113 -12.45 17.53 11.58
CA ILE A 113 -12.06 18.94 11.43
C ILE A 113 -12.42 19.45 10.04
N HIS A 114 -12.29 18.60 9.01
CA HIS A 114 -12.69 18.99 7.66
C HIS A 114 -14.19 19.18 7.55
N ALA A 115 -14.97 18.47 8.36
CA ALA A 115 -16.41 18.68 8.41
C ALA A 115 -16.82 19.80 9.36
N LYS A 116 -15.88 20.67 9.74
CA LYS A 116 -16.10 21.82 10.64
C LYS A 116 -16.64 21.39 12.00
N ARG A 117 -16.10 20.31 12.55
CA ARG A 117 -16.50 19.80 13.84
C ARG A 117 -15.26 19.52 14.69
N VAL A 118 -15.48 19.40 16.00
CA VAL A 118 -14.46 18.92 16.92
C VAL A 118 -14.82 17.59 17.55
N THR A 119 -16.01 17.07 17.27
CA THR A 119 -16.45 15.77 17.74
C THR A 119 -16.37 14.77 16.60
N ILE A 120 -15.76 13.62 16.86
CA ILE A 120 -15.68 12.59 15.84
C ILE A 120 -16.93 11.73 15.88
N MET A 121 -17.44 11.41 14.71
CA MET A 121 -18.65 10.63 14.52
C MET A 121 -18.29 9.33 13.80
N PRO A 122 -19.18 8.32 13.81
CA PRO A 122 -18.92 7.12 13.00
C PRO A 122 -18.79 7.38 11.51
N LYS A 123 -19.42 8.44 10.99
CA LYS A 123 -19.27 8.78 9.58
C LYS A 123 -17.84 9.20 9.25
N ASP A 124 -17.13 9.78 10.22
CA ASP A 124 -15.72 10.14 10.01
C ASP A 124 -14.85 8.90 9.92
N ILE A 125 -15.13 7.90 10.77
CA ILE A 125 -14.42 6.62 10.70
C ILE A 125 -14.67 5.93 9.37
N GLN A 126 -15.94 5.94 8.93
CA GLN A 126 -16.29 5.30 7.67
C GLN A 126 -15.65 6.00 6.48
N LEU A 127 -15.59 7.34 6.50
CA LEU A 127 -14.93 8.07 5.43
C LEU A 127 -13.42 7.82 5.41
N ALA A 128 -12.79 7.80 6.59
CA ALA A 128 -11.35 7.56 6.67
C ALA A 128 -11.00 6.16 6.20
N ARG A 129 -11.81 5.16 6.57
CA ARG A 129 -11.55 3.80 6.10
C ARG A 129 -11.92 3.63 4.63
N ARG A 130 -12.80 4.47 4.10
CA ARG A 130 -13.09 4.41 2.67
C ARG A 130 -11.96 4.98 1.84
N ILE A 131 -11.37 6.10 2.28
CA ILE A 131 -10.26 6.70 1.55
C ILE A 131 -9.00 5.85 1.69
N ARG A 132 -8.78 5.25 2.87
CA ARG A 132 -7.66 4.35 3.07
C ARG A 132 -7.78 3.06 2.26
N GLY A 133 -8.99 2.70 1.85
CA GLY A 133 -9.20 1.47 1.12
C GLY A 133 -9.52 0.26 1.96
N GLU A 134 -10.05 0.47 3.16
CA GLU A 134 -10.35 -0.64 4.07
C GLU A 134 -11.84 -0.99 4.02
N ARG B 24 -18.59 -16.12 23.21
CA ARG B 24 -17.65 -15.92 24.31
C ARG B 24 -17.57 -14.43 24.66
N ASP B 25 -18.30 -13.62 23.89
CA ASP B 25 -18.42 -12.17 24.02
C ASP B 25 -17.07 -11.47 23.90
N ASN B 26 -16.54 -10.95 25.02
CA ASN B 26 -15.18 -10.42 25.19
C ASN B 26 -14.80 -9.25 24.28
N ILE B 27 -15.74 -8.75 23.47
CA ILE B 27 -15.51 -7.49 22.77
C ILE B 27 -15.86 -6.32 23.68
N GLN B 28 -16.64 -6.56 24.73
CA GLN B 28 -16.90 -5.56 25.75
C GLN B 28 -15.71 -5.35 26.69
N GLY B 29 -14.70 -6.22 26.63
CA GLY B 29 -13.48 -6.00 27.37
C GLY B 29 -12.64 -4.86 26.83
N ILE B 30 -12.85 -4.49 25.57
CA ILE B 30 -12.30 -3.26 25.03
C ILE B 30 -13.24 -2.15 25.46
N THR B 31 -12.99 -1.60 26.65
CA THR B 31 -13.97 -0.76 27.32
C THR B 31 -14.01 0.63 26.70
N LYS B 32 -14.98 1.41 27.17
CA LYS B 32 -15.10 2.81 26.78
C LYS B 32 -13.88 3.68 27.12
N PRO B 33 -13.27 3.65 28.32
CA PRO B 33 -12.09 4.51 28.51
C PRO B 33 -10.86 4.01 27.78
N ALA B 34 -10.80 2.75 27.38
CA ALA B 34 -9.67 2.29 26.56
C ALA B 34 -9.71 2.89 25.17
N ILE B 35 -10.90 2.91 24.56
CA ILE B 35 -11.09 3.57 23.27
C ILE B 35 -10.90 5.09 23.42
N ARG B 36 -11.32 5.63 24.58
CA ARG B 36 -11.07 7.03 24.87
C ARG B 36 -9.58 7.37 24.93
N ARG B 37 -8.78 6.49 25.56
CA ARG B 37 -7.34 6.69 25.62
C ARG B 37 -6.69 6.56 24.25
N LEU B 38 -7.16 5.60 23.44
CA LEU B 38 -6.62 5.43 22.09
C LEU B 38 -6.98 6.61 21.20
N ALA B 39 -8.12 7.26 21.46
CA ALA B 39 -8.47 8.47 20.72
C ALA B 39 -7.70 9.68 21.21
N ARG B 40 -7.40 9.75 22.52
CA ARG B 40 -6.60 10.84 23.05
C ARG B 40 -5.17 10.77 22.54
N ARG B 41 -4.64 9.57 22.34
CA ARG B 41 -3.33 9.44 21.69
C ARG B 41 -3.39 9.87 20.23
N GLY B 42 -4.52 9.66 19.57
CA GLY B 42 -4.69 10.12 18.21
C GLY B 42 -5.00 11.59 18.05
N GLY B 43 -5.16 12.32 19.16
CA GLY B 43 -5.41 13.74 19.11
C GLY B 43 -6.87 14.15 19.11
N VAL B 44 -7.77 13.25 19.48
CA VAL B 44 -9.20 13.53 19.43
C VAL B 44 -9.62 14.22 20.73
N LYS B 45 -10.26 15.38 20.60
CA LYS B 45 -10.68 16.18 21.74
C LYS B 45 -12.07 15.79 22.24
N ARG B 46 -13.04 15.65 21.34
CA ARG B 46 -14.41 15.31 21.69
C ARG B 46 -14.82 14.05 20.96
N ILE B 47 -15.48 13.14 21.67
CA ILE B 47 -15.84 11.82 21.16
C ILE B 47 -17.35 11.65 21.28
N SER B 48 -17.98 11.21 20.20
CA SER B 48 -19.40 10.90 20.25
C SER B 48 -19.64 9.56 20.94
N GLY B 49 -20.90 9.34 21.32
CA GLY B 49 -21.24 8.13 22.05
C GLY B 49 -21.31 6.88 21.19
N LEU B 50 -21.49 7.04 19.89
CA LEU B 50 -21.58 5.91 18.97
C LEU B 50 -20.22 5.53 18.39
N ILE B 51 -19.14 6.18 18.83
CA ILE B 51 -17.81 5.88 18.34
C ILE B 51 -17.36 4.50 18.81
N TYR B 52 -17.73 4.13 20.04
CA TYR B 52 -17.14 2.96 20.70
C TYR B 52 -17.55 1.65 20.03
N GLU B 53 -18.81 1.52 19.63
CA GLU B 53 -19.26 0.29 18.97
C GLU B 53 -18.65 0.16 17.58
N GLU B 54 -18.53 1.29 16.86
CA GLU B 54 -17.87 1.30 15.55
C GLU B 54 -16.40 0.92 15.68
N THR B 55 -15.73 1.43 16.71
CA THR B 55 -14.33 1.12 16.95
C THR B 55 -14.15 -0.35 17.33
N ARG B 56 -15.10 -0.90 18.11
CA ARG B 56 -15.05 -2.32 18.44
C ARG B 56 -15.21 -3.19 17.20
N GLY B 57 -16.13 -2.81 16.30
CA GLY B 57 -16.27 -3.55 15.05
C GLY B 57 -15.05 -3.45 14.15
N VAL B 58 -14.44 -2.26 14.10
CA VAL B 58 -13.23 -2.05 13.29
C VAL B 58 -12.07 -2.88 13.83
N LEU B 59 -11.90 -2.87 15.15
CA LEU B 59 -10.84 -3.66 15.79
C LEU B 59 -11.08 -5.15 15.61
N LYS B 60 -12.35 -5.58 15.65
CA LYS B 60 -12.65 -6.99 15.41
C LYS B 60 -12.32 -7.41 13.99
N VAL B 61 -12.63 -6.56 13.00
CA VAL B 61 -12.33 -6.89 11.60
C VAL B 61 -10.83 -6.96 11.38
N PHE B 62 -10.09 -5.99 11.92
CA PHE B 62 -8.63 -5.98 11.78
C PHE B 62 -7.99 -7.18 12.47
N LEU B 63 -8.48 -7.51 13.67
CA LEU B 63 -7.93 -8.65 14.41
C LEU B 63 -8.22 -9.97 13.72
N GLU B 64 -9.43 -10.12 13.13
CA GLU B 64 -9.73 -11.32 12.37
C GLU B 64 -8.82 -11.45 11.14
N ASN B 65 -8.59 -10.33 10.44
CA ASN B 65 -7.74 -10.37 9.24
C ASN B 65 -6.30 -10.72 9.58
N VAL B 66 -5.77 -10.21 10.69
CA VAL B 66 -4.39 -10.53 11.05
C VAL B 66 -4.29 -11.96 11.61
N ILE B 67 -5.23 -12.35 12.47
CA ILE B 67 -5.19 -13.64 13.16
C ILE B 67 -5.42 -14.79 12.19
N ARG B 68 -6.23 -14.59 11.14
CA ARG B 68 -6.44 -15.64 10.14
C ARG B 68 -5.16 -15.97 9.40
N ASP B 69 -4.40 -14.95 9.01
CA ASP B 69 -3.12 -15.17 8.34
C ASP B 69 -2.08 -15.76 9.30
N ALA B 70 -2.11 -15.33 10.57
CA ALA B 70 -1.18 -15.88 11.55
C ALA B 70 -1.45 -17.37 11.81
N VAL B 71 -2.72 -17.74 11.88
CA VAL B 71 -3.09 -19.15 12.06
C VAL B 71 -2.77 -19.96 10.81
N THR B 72 -2.90 -19.36 9.62
CA THR B 72 -2.49 -20.04 8.39
C THR B 72 -0.99 -20.30 8.37
N TYR B 73 -0.19 -19.31 8.79
CA TYR B 73 1.25 -19.49 8.89
C TYR B 73 1.62 -20.53 9.95
N THR B 74 0.84 -20.60 11.03
CA THR B 74 1.07 -21.60 12.07
C THR B 74 0.73 -23.00 11.58
N GLU B 75 -0.38 -23.14 10.84
CA GLU B 75 -0.81 -24.44 10.34
C GLU B 75 0.11 -24.95 9.23
N HIS B 76 0.75 -24.04 8.50
CA HIS B 76 1.71 -24.49 7.48
C HIS B 76 2.94 -25.10 8.12
N ALA B 77 3.32 -24.62 9.29
CA ALA B 77 4.50 -25.11 10.01
C ALA B 77 4.23 -26.34 10.83
N LYS B 78 3.03 -26.92 10.72
CA LYS B 78 2.57 -28.07 11.50
C LYS B 78 2.65 -27.81 12.99
N ARG B 79 2.40 -26.58 13.41
CA ARG B 79 2.46 -26.19 14.81
C ARG B 79 1.08 -25.94 15.37
N LYS B 80 0.96 -26.10 16.69
CA LYS B 80 -0.26 -25.79 17.41
C LYS B 80 -0.11 -24.54 18.27
N THR B 81 0.98 -23.80 18.10
CA THR B 81 1.27 -22.60 18.87
C THR B 81 1.52 -21.44 17.91
N VAL B 82 0.80 -20.34 18.09
CA VAL B 82 1.03 -19.14 17.32
C VAL B 82 2.19 -18.38 17.96
N THR B 83 3.26 -18.18 17.20
CA THR B 83 4.43 -17.49 17.68
C THR B 83 4.39 -16.01 17.26
N ALA B 84 5.35 -15.26 17.78
CA ALA B 84 5.46 -13.85 17.39
C ALA B 84 5.92 -13.70 15.95
N MET B 85 6.68 -14.68 15.45
CA MET B 85 7.10 -14.66 14.06
C MET B 85 5.93 -14.78 13.10
N ASP B 86 4.95 -15.63 13.43
CA ASP B 86 3.77 -15.78 12.58
C ASP B 86 2.95 -14.51 12.55
N VAL B 87 2.82 -13.83 13.70
CA VAL B 87 2.11 -12.56 13.76
C VAL B 87 2.85 -11.49 12.97
N VAL B 88 4.19 -11.49 13.05
CA VAL B 88 5.00 -10.51 12.33
C VAL B 88 4.90 -10.72 10.81
N TYR B 89 4.91 -11.99 10.37
CA TYR B 89 4.74 -12.29 8.95
C TYR B 89 3.34 -11.92 8.47
N ALA B 90 2.32 -12.19 9.30
CA ALA B 90 0.95 -11.85 8.95
C ALA B 90 0.76 -10.34 8.86
N LEU B 91 1.31 -9.60 9.74
CA LEU B 91 1.19 -8.22 9.72
C LEU B 91 1.84 -7.77 8.58
N LYS B 92 2.97 -8.22 8.20
CA LYS B 92 3.72 -7.76 7.08
C LYS B 92 3.11 -7.89 5.82
N ARG B 93 2.34 -8.96 5.66
CA ARG B 93 1.68 -9.28 4.40
C ARG B 93 0.55 -8.33 4.14
N GLN B 94 0.22 -7.50 5.13
CA GLN B 94 -0.83 -6.63 4.92
C GLN B 94 -0.29 -5.31 4.79
N GLY B 95 0.99 -5.18 4.63
CA GLY B 95 1.54 -3.83 4.53
C GLY B 95 1.64 -3.09 5.84
N ARG B 96 1.67 -3.80 6.96
CA ARG B 96 1.67 -3.24 8.30
C ARG B 96 2.86 -3.78 9.09
N THR B 97 4.06 -3.63 8.52
CA THR B 97 5.30 -4.14 9.09
C THR B 97 5.55 -3.63 10.51
N LEU B 98 5.81 -4.55 11.42
CA LEU B 98 6.00 -4.25 12.83
C LEU B 98 7.44 -4.57 13.23
N TYR B 99 8.11 -3.60 13.85
CA TYR B 99 9.48 -3.76 14.27
C TYR B 99 9.52 -4.07 15.77
N GLY B 100 10.58 -4.78 16.18
CA GLY B 100 10.81 -5.01 17.58
C GLY B 100 10.41 -6.37 18.10
N PHE B 101 9.92 -7.26 17.24
CA PHE B 101 9.55 -8.61 17.66
C PHE B 101 10.31 -9.67 16.86
N GLY B 102 11.55 -9.39 16.50
CA GLY B 102 12.37 -10.33 15.76
C GLY B 102 12.54 -9.94 14.30
N ALA C 13 8.81 -44.71 -25.24
CA ALA C 13 8.86 -43.29 -25.52
C ALA C 13 7.53 -42.87 -26.17
N LYS C 14 6.99 -41.64 -25.89
CA LYS C 14 5.71 -41.03 -26.44
C LYS C 14 5.19 -39.56 -25.90
N ALA C 15 3.90 -39.47 -25.97
CA ALA C 15 2.90 -38.42 -25.85
C ALA C 15 2.69 -38.01 -24.41
N LYS C 16 1.50 -37.49 -24.10
CA LYS C 16 1.03 -37.18 -22.75
C LYS C 16 1.86 -36.12 -22.05
N SER C 17 1.75 -34.88 -22.52
CA SER C 17 2.28 -33.74 -21.78
C SER C 17 1.62 -33.60 -20.41
N ARG C 18 2.30 -32.87 -19.53
CA ARG C 18 1.91 -32.82 -18.13
C ARG C 18 0.60 -32.08 -17.91
N SER C 19 0.23 -31.19 -18.83
CA SER C 19 -1.07 -30.53 -18.75
C SER C 19 -2.20 -31.50 -19.05
N SER C 20 -2.01 -32.35 -20.05
CA SER C 20 -3.04 -33.33 -20.41
C SER C 20 -3.15 -34.43 -19.37
N ARG C 21 -2.04 -34.74 -18.68
CA ARG C 21 -2.08 -35.73 -17.61
C ARG C 21 -2.82 -35.20 -16.39
N ALA C 22 -2.79 -33.89 -16.17
CA ALA C 22 -3.51 -33.25 -15.08
C ALA C 22 -4.87 -32.72 -15.49
N GLY C 23 -5.26 -32.89 -16.74
CA GLY C 23 -6.54 -32.38 -17.22
C GLY C 23 -6.63 -30.87 -17.26
N LEU C 24 -5.57 -30.20 -17.70
CA LEU C 24 -5.50 -28.75 -17.71
C LEU C 24 -5.24 -28.24 -19.12
N GLN C 25 -5.37 -26.93 -19.28
CA GLN C 25 -4.95 -26.22 -20.48
C GLN C 25 -3.78 -25.30 -20.28
N PHE C 26 -3.56 -24.81 -19.06
CA PHE C 26 -2.38 -24.04 -18.75
C PHE C 26 -1.16 -24.97 -18.69
N PRO C 27 -0.01 -24.53 -19.23
CA PRO C 27 1.14 -25.43 -19.37
C PRO C 27 1.82 -25.72 -18.04
N VAL C 28 1.82 -26.99 -17.65
CA VAL C 28 2.51 -27.40 -16.43
C VAL C 28 4.02 -27.32 -16.63
N GLY C 29 4.50 -27.67 -17.83
CA GLY C 29 5.93 -27.64 -18.10
C GLY C 29 6.51 -26.23 -18.13
N ARG C 30 5.79 -25.29 -18.74
CA ARG C 30 6.24 -23.90 -18.77
C ARG C 30 6.19 -23.28 -17.38
N VAL C 31 5.17 -23.62 -16.58
CA VAL C 31 5.08 -23.11 -15.21
C VAL C 31 6.19 -23.70 -14.34
N HIS C 32 6.53 -24.97 -14.56
CA HIS C 32 7.67 -25.59 -13.87
C HIS C 32 8.97 -24.91 -14.25
N ARG C 33 9.15 -24.58 -15.54
CA ARG C 33 10.36 -23.90 -15.99
C ARG C 33 10.45 -22.49 -15.42
N LEU C 34 9.32 -21.78 -15.35
CA LEU C 34 9.31 -20.44 -14.80
C LEU C 34 9.51 -20.45 -13.30
N LEU C 35 9.07 -21.51 -12.62
CA LEU C 35 9.32 -21.65 -11.20
C LEU C 35 10.79 -21.98 -10.93
N ARG C 36 11.39 -22.78 -11.81
CA ARG C 36 12.81 -23.10 -11.67
C ARG C 36 13.71 -21.89 -11.97
N LYS C 37 13.39 -21.15 -13.03
CA LYS C 37 14.19 -20.01 -13.45
C LYS C 37 13.81 -18.71 -12.75
N GLY C 38 12.74 -18.70 -11.97
CA GLY C 38 12.30 -17.49 -11.33
C GLY C 38 13.01 -17.14 -10.04
N ASN C 39 13.94 -17.99 -9.60
CA ASN C 39 14.73 -17.83 -8.38
C ASN C 39 13.84 -17.71 -7.15
N TYR C 40 12.93 -18.66 -7.01
CA TYR C 40 12.08 -18.73 -5.83
C TYR C 40 12.59 -19.71 -4.78
N ALA C 41 13.09 -20.87 -5.19
CA ALA C 41 13.63 -21.83 -4.25
C ALA C 41 14.73 -22.62 -4.93
N GLU C 42 15.47 -23.38 -4.12
CA GLU C 42 16.53 -24.23 -4.65
C GLU C 42 15.95 -25.41 -5.42
N ARG C 43 14.85 -26.00 -4.94
CA ARG C 43 14.20 -27.11 -5.61
C ARG C 43 12.74 -26.79 -5.79
N VAL C 44 12.12 -27.45 -6.77
CA VAL C 44 10.68 -27.33 -7.03
C VAL C 44 10.13 -28.75 -7.15
N GLY C 45 9.21 -29.11 -6.28
CA GLY C 45 8.57 -30.41 -6.38
C GLY C 45 7.62 -30.47 -7.57
N ALA C 46 7.39 -31.68 -8.07
CA ALA C 46 6.56 -31.81 -9.26
C ALA C 46 5.10 -32.03 -8.93
N GLY C 47 4.58 -31.25 -7.98
CA GLY C 47 3.15 -31.10 -7.78
C GLY C 47 2.82 -29.63 -7.73
N ALA C 48 3.85 -28.83 -7.47
CA ALA C 48 3.71 -27.38 -7.42
C ALA C 48 3.33 -26.74 -8.75
N PRO C 49 3.94 -27.08 -9.92
CA PRO C 49 3.40 -26.52 -11.17
C PRO C 49 2.00 -26.98 -11.52
N VAL C 50 1.60 -28.17 -11.11
CA VAL C 50 0.24 -28.65 -11.36
C VAL C 50 -0.77 -27.83 -10.56
N TYR C 51 -0.47 -27.62 -9.28
CA TYR C 51 -1.32 -26.80 -8.41
C TYR C 51 -1.37 -25.36 -8.90
N MET C 52 -0.29 -24.87 -9.40
CA MET C 52 -0.15 -23.55 -9.85
C MET C 52 -0.71 -23.28 -11.06
N ALA C 53 -0.71 -24.15 -11.98
CA ALA C 53 -1.41 -24.06 -13.26
C ALA C 53 -2.91 -24.22 -13.08
N ALA C 54 -3.33 -25.08 -12.14
CA ALA C 54 -4.76 -25.22 -11.85
C ALA C 54 -5.35 -23.95 -11.26
N VAL C 55 -4.62 -23.30 -10.35
CA VAL C 55 -5.10 -22.08 -9.73
C VAL C 55 -5.18 -20.94 -10.75
N LEU C 56 -4.14 -20.82 -11.60
CA LEU C 56 -4.14 -19.82 -12.66
C LEU C 56 -5.26 -20.06 -13.67
N GLU C 57 -5.51 -21.33 -14.00
CA GLU C 57 -6.56 -21.66 -14.95
C GLU C 57 -7.95 -21.39 -14.36
N TYR C 58 -8.13 -21.64 -13.05
CA TYR C 58 -9.40 -21.34 -12.42
C TYR C 58 -9.66 -19.83 -12.37
N LEU C 59 -8.62 -19.05 -12.04
CA LEU C 59 -8.80 -17.59 -11.97
C LEU C 59 -9.06 -17.01 -13.36
N THR C 60 -8.35 -17.52 -14.37
CA THR C 60 -8.60 -17.09 -15.75
C THR C 60 -10.01 -17.46 -16.20
N ALA C 61 -10.48 -18.65 -15.84
CA ALA C 61 -11.82 -19.09 -16.21
C ALA C 61 -12.89 -18.23 -15.55
N GLU C 62 -12.69 -17.89 -14.27
CA GLU C 62 -13.68 -17.08 -13.55
C GLU C 62 -13.76 -15.67 -14.13
N ILE C 63 -12.59 -15.03 -14.35
CA ILE C 63 -12.59 -13.67 -14.89
C ILE C 63 -13.11 -13.66 -16.32
N LEU C 64 -12.73 -14.65 -17.13
CA LEU C 64 -13.17 -14.70 -18.52
C LEU C 64 -14.66 -15.00 -18.64
N GLU C 65 -15.21 -15.81 -17.74
CA GLU C 65 -16.64 -16.10 -17.80
C GLU C 65 -17.46 -14.90 -17.34
N LEU C 66 -17.00 -14.20 -16.30
CA LEU C 66 -17.70 -12.99 -15.87
C LEU C 66 -17.62 -11.89 -16.91
N ALA C 67 -16.48 -11.77 -17.60
CA ALA C 67 -16.33 -10.78 -18.66
C ALA C 67 -17.15 -11.17 -19.88
N GLY C 68 -17.29 -12.47 -20.16
CA GLY C 68 -18.14 -12.90 -21.25
C GLY C 68 -19.62 -12.64 -20.96
N ASN C 69 -20.03 -12.80 -19.70
CA ASN C 69 -21.39 -12.43 -19.32
C ASN C 69 -21.62 -10.93 -19.41
N ALA C 70 -20.61 -10.13 -19.02
CA ALA C 70 -20.71 -8.69 -19.16
C ALA C 70 -20.76 -8.26 -20.62
N ALA C 71 -20.05 -8.97 -21.50
CA ALA C 71 -20.13 -8.70 -22.93
C ALA C 71 -21.47 -9.15 -23.50
N ARG C 72 -22.03 -10.23 -22.95
CA ARG C 72 -23.32 -10.74 -23.44
C ARG C 72 -24.45 -9.80 -23.06
N ASP C 73 -24.40 -9.20 -21.87
CA ASP C 73 -25.37 -8.15 -21.55
C ASP C 73 -24.91 -6.77 -22.01
N ASN C 74 -24.45 -6.72 -23.26
CA ASN C 74 -23.99 -5.51 -23.93
C ASN C 74 -24.20 -5.66 -25.44
N LYS C 75 -24.95 -6.70 -25.82
CA LYS C 75 -25.27 -7.03 -27.20
C LYS C 75 -23.95 -7.07 -28.00
N LYS C 76 -22.91 -7.59 -27.35
CA LYS C 76 -21.58 -7.71 -27.93
C LYS C 76 -21.12 -9.17 -27.88
N THR C 77 -20.21 -9.53 -28.78
CA THR C 77 -19.69 -10.89 -28.85
C THR C 77 -18.16 -10.90 -28.89
N ARG C 78 -17.55 -9.96 -28.17
CA ARG C 78 -16.10 -9.83 -28.11
C ARG C 78 -15.75 -9.10 -26.82
N ILE C 79 -14.82 -9.64 -26.07
CA ILE C 79 -14.45 -9.06 -24.77
C ILE C 79 -13.42 -7.96 -24.99
N ILE C 80 -13.75 -6.77 -24.53
CA ILE C 80 -12.84 -5.61 -24.57
C ILE C 80 -12.41 -5.39 -23.12
N PRO C 81 -11.40 -4.58 -22.82
CA PRO C 81 -11.02 -4.36 -21.40
C PRO C 81 -12.10 -3.69 -20.55
N ARG C 82 -13.08 -3.03 -21.16
CA ARG C 82 -14.23 -2.51 -20.43
C ARG C 82 -15.02 -3.65 -19.78
N HIS C 83 -15.18 -4.75 -20.51
CA HIS C 83 -15.89 -5.91 -19.97
C HIS C 83 -15.11 -6.56 -18.82
N LEU C 84 -13.78 -6.59 -18.93
CA LEU C 84 -12.97 -7.13 -17.85
C LEU C 84 -13.03 -6.24 -16.61
N GLN C 85 -13.03 -4.91 -16.80
CA GLN C 85 -13.16 -3.99 -15.67
C GLN C 85 -14.54 -4.11 -15.02
N LEU C 86 -15.58 -4.28 -15.84
CA LEU C 86 -16.94 -4.47 -15.32
C LEU C 86 -17.05 -5.79 -14.56
N ALA C 87 -16.36 -6.83 -15.03
CA ALA C 87 -16.37 -8.11 -14.34
C ALA C 87 -15.64 -8.04 -13.01
N ILE C 88 -14.48 -7.38 -12.99
CA ILE C 88 -13.64 -7.37 -11.78
C ILE C 88 -14.23 -6.44 -10.73
N ARG C 89 -14.65 -5.23 -11.12
CA ARG C 89 -15.07 -4.24 -10.14
C ARG C 89 -16.46 -4.52 -9.56
N ASN C 90 -17.23 -5.41 -10.17
CA ASN C 90 -18.55 -5.76 -9.65
C ASN C 90 -18.51 -6.91 -8.65
N ASP C 91 -17.33 -7.41 -8.33
CA ASP C 91 -17.22 -8.52 -7.40
C ASP C 91 -16.41 -8.13 -6.17
N GLU C 92 -16.87 -8.56 -5.00
CA GLU C 92 -16.17 -8.25 -3.76
C GLU C 92 -14.80 -8.90 -3.72
N GLU C 93 -14.71 -10.18 -4.11
CA GLU C 93 -13.47 -10.94 -3.96
C GLU C 93 -12.40 -10.47 -4.95
N LEU C 94 -12.87 -10.39 -6.16
CA LEU C 94 -12.11 -10.07 -7.34
C LEU C 94 -11.66 -8.75 -7.20
N ASN C 95 -12.41 -7.78 -6.76
CA ASN C 95 -11.96 -6.46 -6.55
C ASN C 95 -10.97 -6.49 -5.49
N LYS C 96 -11.07 -7.23 -4.45
CA LYS C 96 -10.09 -7.32 -3.45
C LYS C 96 -8.81 -7.87 -3.93
N LEU C 97 -8.77 -8.82 -4.83
CA LEU C 97 -7.55 -9.34 -5.31
C LEU C 97 -6.95 -8.31 -6.14
N LEU C 98 -7.65 -7.77 -7.07
CA LEU C 98 -7.10 -6.80 -8.01
C LEU C 98 -7.49 -5.37 -7.61
N GLY C 99 -7.43 -5.07 -6.31
CA GLY C 99 -7.86 -3.78 -5.83
C GLY C 99 -6.86 -2.66 -6.04
N LYS C 100 -5.57 -2.99 -6.07
CA LYS C 100 -4.52 -2.00 -6.34
C LYS C 100 -4.02 -2.10 -7.77
N VAL C 101 -4.88 -2.45 -8.71
CA VAL C 101 -4.51 -2.76 -10.08
C VAL C 101 -5.28 -1.85 -11.03
N THR C 102 -4.56 -1.20 -11.94
CA THR C 102 -5.14 -0.38 -12.99
C THR C 102 -5.28 -1.22 -14.25
N ILE C 103 -6.48 -1.22 -14.84
CA ILE C 103 -6.74 -1.88 -16.10
C ILE C 103 -6.77 -0.80 -17.18
N ALA C 104 -5.93 -0.95 -18.20
CA ALA C 104 -5.89 0.02 -19.29
C ALA C 104 -7.13 -0.11 -20.15
N GLN C 105 -7.69 1.05 -20.52
CA GLN C 105 -8.91 1.18 -21.33
C GLN C 105 -10.11 0.49 -20.70
N GLY C 106 -10.19 0.51 -19.37
CA GLY C 106 -11.27 -0.16 -18.67
C GLY C 106 -12.31 0.80 -18.13
N GLY C 107 -11.94 2.06 -17.94
CA GLY C 107 -12.86 3.02 -17.40
C GLY C 107 -13.09 2.81 -15.92
N VAL C 108 -14.25 3.29 -15.47
CA VAL C 108 -14.68 3.13 -14.08
C VAL C 108 -16.09 2.56 -14.06
N LEU C 109 -16.50 2.12 -12.89
CA LEU C 109 -17.87 1.66 -12.69
C LEU C 109 -18.82 2.85 -12.73
N PRO C 110 -19.93 2.77 -13.46
CA PRO C 110 -20.87 3.90 -13.50
C PRO C 110 -21.65 4.05 -12.20
N ASN C 111 -21.28 5.03 -11.39
CA ASN C 111 -22.02 5.29 -10.15
C ASN C 111 -22.02 6.78 -9.86
N ILE C 112 -23.15 7.28 -9.35
CA ILE C 112 -23.30 8.65 -8.90
C ILE C 112 -23.76 8.59 -7.45
N GLN C 113 -23.19 9.45 -6.60
CA GLN C 113 -23.62 9.54 -5.22
C GLN C 113 -25.05 10.05 -5.14
N ALA C 114 -25.79 9.57 -4.15
CA ALA C 114 -27.23 9.81 -4.10
C ALA C 114 -27.56 11.25 -3.75
N VAL C 115 -26.63 11.97 -3.12
CA VAL C 115 -26.88 13.37 -2.77
C VAL C 115 -26.72 14.28 -3.97
N LEU C 116 -26.15 13.79 -5.07
CA LEU C 116 -25.96 14.61 -6.26
C LEU C 116 -27.18 14.59 -7.18
N LEU C 117 -28.08 13.64 -6.99
CA LEU C 117 -29.28 13.57 -7.82
C LEU C 117 -30.27 14.65 -7.41
N PRO C 118 -30.97 15.26 -8.38
CA PRO C 118 -31.88 16.36 -8.03
C PRO C 118 -33.24 15.87 -7.54
N LYS C 119 -33.78 16.60 -6.58
CA LYS C 119 -35.09 16.27 -6.02
C LYS C 119 -35.77 17.51 -5.46
N LYS D 31 15.71 -12.64 -37.67
CA LYS D 31 16.58 -13.44 -36.82
C LYS D 31 16.38 -13.08 -35.36
N ARG D 32 15.44 -12.18 -35.10
CA ARG D 32 15.14 -11.75 -33.74
C ARG D 32 14.40 -12.86 -32.99
N SER D 33 14.67 -12.94 -31.68
CA SER D 33 14.14 -14.01 -30.84
C SER D 33 12.65 -13.84 -30.62
N ARG D 34 12.03 -14.86 -30.05
CA ARG D 34 10.57 -14.96 -29.97
C ARG D 34 10.11 -14.64 -28.56
N LYS D 35 8.96 -13.97 -28.46
CA LYS D 35 8.34 -13.70 -27.18
C LYS D 35 7.30 -14.76 -26.86
N GLU D 36 7.11 -15.02 -25.58
CA GLU D 36 6.18 -16.05 -25.16
C GLU D 36 5.20 -15.47 -24.15
N SER D 37 3.98 -16.01 -24.14
CA SER D 37 2.89 -15.47 -23.35
C SER D 37 1.88 -16.58 -23.10
N TYR D 38 0.75 -16.22 -22.50
CA TYR D 38 -0.32 -17.15 -22.20
C TYR D 38 -1.50 -17.02 -23.15
N SER D 39 -1.34 -16.30 -24.26
CA SER D 39 -2.45 -15.95 -25.15
C SER D 39 -3.07 -17.15 -25.84
N ILE D 40 -2.38 -18.28 -25.86
CA ILE D 40 -2.90 -19.49 -26.49
C ILE D 40 -3.76 -20.30 -25.52
N TYR D 41 -3.31 -20.39 -24.27
CA TYR D 41 -4.04 -21.12 -23.24
C TYR D 41 -5.24 -20.36 -22.73
N VAL D 42 -5.11 -19.03 -22.61
CA VAL D 42 -6.22 -18.18 -22.18
C VAL D 42 -7.36 -18.25 -23.21
N TYR D 43 -7.02 -18.33 -24.49
CA TYR D 43 -8.03 -18.50 -25.52
C TYR D 43 -8.70 -19.87 -25.42
N LYS D 44 -7.95 -20.91 -25.05
CA LYS D 44 -8.52 -22.24 -24.87
C LYS D 44 -9.51 -22.26 -23.70
N VAL D 45 -9.15 -21.60 -22.60
CA VAL D 45 -10.05 -21.50 -21.45
C VAL D 45 -11.30 -20.69 -21.82
N LEU D 46 -11.12 -19.64 -22.63
CA LEU D 46 -12.26 -18.85 -23.10
C LEU D 46 -13.20 -19.67 -23.95
N LYS D 47 -12.66 -20.48 -24.87
CA LYS D 47 -13.53 -21.34 -25.68
C LYS D 47 -14.14 -22.47 -24.88
N GLN D 48 -13.57 -22.83 -23.73
CA GLN D 48 -14.30 -23.71 -22.82
C GLN D 48 -15.47 -23.00 -22.16
N VAL D 49 -15.25 -21.81 -21.59
CA VAL D 49 -16.26 -21.19 -20.77
C VAL D 49 -17.28 -20.42 -21.60
N HIS D 50 -16.92 -20.04 -22.83
CA HIS D 50 -17.80 -19.28 -23.71
C HIS D 50 -17.44 -19.67 -25.14
N PRO D 51 -18.19 -20.62 -25.72
CA PRO D 51 -17.84 -21.09 -27.08
C PRO D 51 -18.05 -20.05 -28.17
N ASP D 52 -19.14 -19.30 -28.13
CA ASP D 52 -19.37 -18.25 -29.12
C ASP D 52 -19.08 -16.88 -28.50
N THR D 53 -17.79 -16.61 -28.30
CA THR D 53 -17.34 -15.34 -27.75
C THR D 53 -15.87 -15.15 -28.11
N GLY D 54 -15.57 -14.07 -28.84
CA GLY D 54 -14.21 -13.71 -29.16
C GLY D 54 -13.58 -12.85 -28.08
N ILE D 55 -12.39 -12.33 -28.39
CA ILE D 55 -11.66 -11.48 -27.46
C ILE D 55 -10.76 -10.55 -28.27
N SER D 56 -10.63 -9.32 -27.81
CA SER D 56 -9.74 -8.36 -28.45
C SER D 56 -8.31 -8.58 -28.00
N SER D 57 -7.38 -7.93 -28.71
CA SER D 57 -5.97 -8.08 -28.39
C SER D 57 -5.61 -7.33 -27.11
N LYS D 58 -6.29 -6.21 -26.85
CA LYS D 58 -6.06 -5.47 -25.61
C LYS D 58 -6.53 -6.26 -24.39
N ALA D 59 -7.67 -6.93 -24.52
CA ALA D 59 -8.15 -7.79 -23.44
C ALA D 59 -7.25 -8.99 -23.23
N MET D 60 -6.65 -9.52 -24.30
CA MET D 60 -5.66 -10.57 -24.15
C MET D 60 -4.39 -10.06 -23.47
N GLY D 61 -4.03 -8.80 -23.71
CA GLY D 61 -2.91 -8.22 -22.99
C GLY D 61 -3.19 -8.05 -21.51
N ILE D 62 -4.43 -7.65 -21.18
CA ILE D 62 -4.87 -7.58 -19.78
C ILE D 62 -4.82 -8.96 -19.13
N MET D 63 -5.26 -9.98 -19.87
CA MET D 63 -5.25 -11.35 -19.34
C MET D 63 -3.83 -11.87 -19.12
N ASN D 64 -2.92 -11.57 -20.06
CA ASN D 64 -1.52 -11.97 -19.90
C ASN D 64 -0.87 -11.30 -18.70
N SER D 65 -1.13 -10.00 -18.53
CA SER D 65 -0.62 -9.27 -17.37
C SER D 65 -1.20 -9.82 -16.07
N PHE D 66 -2.47 -10.22 -16.10
CA PHE D 66 -3.12 -10.78 -14.91
C PHE D 66 -2.51 -12.11 -14.51
N VAL D 67 -2.30 -13.01 -15.50
CA VAL D 67 -1.73 -14.32 -15.22
C VAL D 67 -0.30 -14.19 -14.72
N ASN D 68 0.48 -13.29 -15.33
CA ASN D 68 1.84 -13.03 -14.87
C ASN D 68 1.87 -12.48 -13.45
N ASP D 69 0.97 -11.53 -13.14
CA ASP D 69 0.95 -10.91 -11.81
C ASP D 69 0.57 -11.92 -10.73
N ILE D 70 -0.44 -12.74 -11.00
CA ILE D 70 -0.87 -13.74 -10.01
C ILE D 70 0.19 -14.82 -9.85
N PHE D 71 0.88 -15.18 -10.95
CA PHE D 71 1.99 -16.14 -10.86
C PHE D 71 3.11 -15.63 -9.96
N GLU D 72 3.53 -14.37 -10.17
CA GLU D 72 4.59 -13.81 -9.33
C GLU D 72 4.16 -13.66 -7.88
N ARG D 73 2.89 -13.31 -7.64
CA ARG D 73 2.40 -13.17 -6.28
C ARG D 73 2.40 -14.52 -5.54
N ILE D 74 1.81 -15.55 -6.15
CA ILE D 74 1.73 -16.86 -5.50
C ILE D 74 3.11 -17.48 -5.36
N ALA D 75 3.96 -17.36 -6.38
CA ALA D 75 5.29 -17.95 -6.34
C ALA D 75 6.18 -17.26 -5.32
N GLY D 76 6.12 -15.93 -5.22
CA GLY D 76 6.89 -15.23 -4.20
C GLY D 76 6.41 -15.52 -2.80
N GLU D 77 5.10 -15.66 -2.63
CA GLU D 77 4.52 -15.97 -1.34
C GLU D 77 4.96 -17.36 -0.90
N ALA D 78 4.92 -18.31 -1.82
CA ALA D 78 5.33 -19.69 -1.54
C ALA D 78 6.83 -19.78 -1.27
N SER D 79 7.63 -18.96 -1.97
CA SER D 79 9.06 -18.89 -1.70
C SER D 79 9.33 -18.36 -0.30
N ARG D 80 8.57 -17.35 0.13
CA ARG D 80 8.70 -16.85 1.49
C ARG D 80 8.27 -17.88 2.51
N LEU D 81 7.22 -18.66 2.20
CA LEU D 81 6.76 -19.72 3.09
C LEU D 81 7.81 -20.81 3.25
N ALA D 82 8.48 -21.17 2.17
CA ALA D 82 9.53 -22.17 2.24
C ALA D 82 10.76 -21.63 2.97
N HIS D 83 11.02 -20.33 2.83
CA HIS D 83 12.19 -19.75 3.49
C HIS D 83 11.95 -19.58 5.00
N TYR D 84 10.70 -19.33 5.40
CA TYR D 84 10.40 -19.18 6.83
C TYR D 84 10.54 -20.49 7.58
N ASN D 85 10.28 -21.61 6.91
CA ASN D 85 10.27 -22.92 7.54
C ASN D 85 11.59 -23.67 7.34
N LYS D 86 12.59 -22.98 6.81
CA LYS D 86 13.93 -23.53 6.53
C LYS D 86 13.91 -24.72 5.56
N ARG D 87 13.02 -24.66 4.57
CA ARG D 87 12.94 -25.68 3.58
C ARG D 87 13.53 -25.24 2.30
N SER D 88 13.95 -26.16 1.51
CA SER D 88 14.67 -25.85 0.28
C SER D 88 13.86 -26.17 -0.96
N THR D 89 12.63 -26.63 -0.81
CA THR D 89 11.83 -26.99 -1.98
C THR D 89 10.45 -26.37 -1.86
N ILE D 90 9.86 -26.04 -3.00
CA ILE D 90 8.48 -25.58 -3.09
C ILE D 90 7.64 -26.77 -3.50
N THR D 91 6.72 -27.18 -2.65
CA THR D 91 5.80 -28.26 -2.94
C THR D 91 4.39 -27.71 -3.14
N SER D 92 3.44 -28.61 -3.38
CA SER D 92 2.06 -28.20 -3.55
C SER D 92 1.43 -27.73 -2.25
N ARG D 93 1.99 -28.15 -1.11
CA ARG D 93 1.54 -27.63 0.18
C ARG D 93 1.85 -26.15 0.34
N GLU D 94 3.03 -25.73 -0.13
CA GLU D 94 3.40 -24.32 -0.10
C GLU D 94 2.52 -23.50 -1.03
N ILE D 95 2.20 -24.04 -2.20
CA ILE D 95 1.31 -23.35 -3.15
C ILE D 95 -0.11 -23.27 -2.60
N GLN D 96 -0.56 -24.32 -1.90
CA GLN D 96 -1.87 -24.31 -1.27
C GLN D 96 -1.97 -23.26 -0.18
N THR D 97 -0.92 -23.17 0.67
CA THR D 97 -0.90 -22.17 1.72
C THR D 97 -0.78 -20.76 1.16
N ALA D 98 -0.04 -20.59 0.06
CA ALA D 98 0.06 -19.29 -0.58
C ALA D 98 -1.26 -18.86 -1.21
N VAL D 99 -2.01 -19.81 -1.77
CA VAL D 99 -3.35 -19.52 -2.29
C VAL D 99 -4.29 -19.14 -1.15
N ARG D 100 -4.17 -19.84 -0.01
CA ARG D 100 -5.00 -19.52 1.16
C ARG D 100 -4.69 -18.13 1.71
N LEU D 101 -3.42 -17.75 1.73
CA LEU D 101 -3.04 -16.43 2.25
C LEU D 101 -3.41 -15.32 1.28
N LEU D 102 -3.19 -15.54 -0.02
CA LEU D 102 -3.35 -14.47 -1.00
C LEU D 102 -4.81 -14.24 -1.35
N LEU D 103 -5.49 -15.29 -1.79
CA LEU D 103 -6.83 -15.14 -2.33
C LEU D 103 -7.86 -15.01 -1.20
N PRO D 104 -8.89 -14.17 -1.40
CA PRO D 104 -9.98 -14.09 -0.41
C PRO D 104 -10.86 -15.34 -0.42
N GLY D 105 -11.81 -15.40 0.51
CA GLY D 105 -12.42 -16.63 1.00
C GLY D 105 -12.92 -17.70 0.05
N GLU D 106 -13.99 -17.43 -0.69
CA GLU D 106 -14.56 -18.44 -1.56
C GLU D 106 -13.70 -18.64 -2.80
N LEU D 107 -13.00 -17.57 -3.20
CA LEU D 107 -12.02 -17.68 -4.27
C LEU D 107 -10.90 -18.64 -3.90
N ALA D 108 -10.38 -18.51 -2.67
CA ALA D 108 -9.33 -19.40 -2.18
C ALA D 108 -9.85 -20.81 -2.01
N LYS D 109 -11.10 -20.96 -1.57
CA LYS D 109 -11.70 -22.29 -1.40
C LYS D 109 -11.82 -23.03 -2.73
N HIS D 110 -12.32 -22.35 -3.77
CA HIS D 110 -12.46 -23.00 -5.07
C HIS D 110 -11.11 -23.20 -5.76
N ALA D 111 -10.15 -22.30 -5.53
CA ALA D 111 -8.82 -22.49 -6.10
C ALA D 111 -8.10 -23.66 -5.44
N VAL D 112 -8.29 -23.84 -4.13
CA VAL D 112 -7.74 -24.99 -3.43
C VAL D 112 -8.39 -26.27 -3.93
N SER D 113 -9.68 -26.21 -4.23
CA SER D 113 -10.39 -27.35 -4.77
C SER D 113 -9.82 -27.75 -6.13
N GLU D 114 -9.63 -26.76 -7.00
CA GLU D 114 -9.08 -27.00 -8.33
C GLU D 114 -7.65 -27.53 -8.27
N GLY D 115 -6.81 -26.95 -7.41
CA GLY D 115 -5.44 -27.43 -7.28
C GLY D 115 -5.35 -28.84 -6.73
N THR D 116 -6.18 -29.16 -5.73
CA THR D 116 -6.21 -30.50 -5.17
C THR D 116 -6.69 -31.52 -6.18
N LYS D 117 -7.73 -31.17 -6.96
CA LYS D 117 -8.24 -32.09 -7.98
C LYS D 117 -7.22 -32.32 -9.09
N ALA D 118 -6.49 -31.27 -9.48
CA ALA D 118 -5.49 -31.42 -10.52
C ALA D 118 -4.29 -32.23 -10.06
N VAL D 119 -3.85 -32.04 -8.81
CA VAL D 119 -2.72 -32.81 -8.30
C VAL D 119 -3.12 -34.28 -8.11
N THR D 120 -4.36 -34.53 -7.67
CA THR D 120 -4.86 -35.90 -7.55
C THR D 120 -4.97 -36.58 -8.90
N LYS D 121 -5.34 -35.81 -9.92
CA LYS D 121 -5.46 -36.35 -11.28
C LYS D 121 -4.09 -36.57 -11.93
N TYR D 122 -3.12 -35.73 -11.57
CA TYR D 122 -1.78 -35.83 -12.13
C TYR D 122 -1.01 -37.00 -11.51
N THR D 123 -1.15 -37.21 -10.20
CA THR D 123 -0.47 -38.35 -9.59
C THR D 123 -1.36 -39.60 -9.62
N SER D 124 -1.89 -39.92 -10.81
CA SER D 124 -2.64 -41.15 -11.01
C SER D 124 -2.39 -41.71 -12.40
N SER D 125 -1.45 -41.14 -13.15
CA SER D 125 -1.15 -41.58 -14.50
C SER D 125 0.32 -41.37 -14.83
N PRO E 39 -34.06 31.99 -25.54
CA PRO E 39 -34.03 30.64 -26.12
C PRO E 39 -34.34 29.56 -25.09
N HIS E 40 -33.63 28.43 -25.19
CA HIS E 40 -33.78 27.32 -24.26
C HIS E 40 -32.46 27.11 -23.54
N ARG E 41 -32.52 27.02 -22.22
CA ARG E 41 -31.34 26.84 -21.39
C ARG E 41 -31.58 25.74 -20.37
N TYR E 42 -30.52 25.00 -20.06
CA TYR E 42 -30.58 23.96 -19.04
C TYR E 42 -30.15 24.52 -17.70
N ARG E 43 -30.74 24.00 -16.64
CA ARG E 43 -30.39 24.44 -15.30
C ARG E 43 -29.02 23.89 -14.91
N PRO E 44 -28.28 24.59 -14.05
CA PRO E 44 -26.98 24.09 -13.62
C PRO E 44 -27.09 22.80 -12.81
N GLY E 45 -26.20 21.86 -13.12
CA GLY E 45 -26.26 20.53 -12.55
C GLY E 45 -26.96 19.51 -13.42
N THR E 46 -27.76 19.95 -14.39
CA THR E 46 -28.41 19.01 -15.29
C THR E 46 -27.45 18.53 -16.38
N VAL E 47 -26.74 19.47 -17.01
CA VAL E 47 -25.70 19.11 -17.97
C VAL E 47 -24.53 18.45 -17.25
N ALA E 48 -24.23 18.91 -16.03
CA ALA E 48 -23.14 18.34 -15.24
C ALA E 48 -23.42 16.92 -14.77
N LEU E 49 -24.68 16.51 -14.69
CA LEU E 49 -25.01 15.13 -14.36
C LEU E 49 -24.99 14.24 -15.59
N ARG E 50 -25.41 14.78 -16.73
CA ARG E 50 -25.32 14.01 -17.97
C ARG E 50 -23.88 13.86 -18.43
N GLU E 51 -23.00 14.78 -18.03
CA GLU E 51 -21.57 14.61 -18.30
C GLU E 51 -20.97 13.51 -17.44
N ILE E 52 -21.43 13.39 -16.19
CA ILE E 52 -21.03 12.27 -15.33
C ILE E 52 -21.51 10.96 -15.92
N ARG E 53 -22.76 10.93 -16.37
CA ARG E 53 -23.31 9.71 -16.97
C ARG E 53 -22.66 9.39 -18.31
N ARG E 54 -22.12 10.39 -19.01
CA ARG E 54 -21.48 10.15 -20.29
C ARG E 54 -20.04 9.68 -20.14
N TYR E 55 -19.26 10.34 -19.27
CA TYR E 55 -17.85 10.02 -19.15
C TYR E 55 -17.58 8.82 -18.26
N GLN E 56 -18.55 8.36 -17.48
CA GLN E 56 -18.37 7.14 -16.70
C GLN E 56 -18.64 5.88 -17.50
N LYS E 57 -19.38 5.98 -18.60
CA LYS E 57 -19.65 4.83 -19.46
C LYS E 57 -18.65 4.71 -20.59
N SER E 58 -17.98 5.80 -20.96
CA SER E 58 -16.93 5.77 -21.96
C SER E 58 -15.63 5.27 -21.33
N THR E 59 -14.70 4.82 -22.18
CA THR E 59 -13.47 4.21 -21.70
C THR E 59 -12.19 4.92 -22.12
N GLU E 60 -12.22 5.83 -23.10
CA GLU E 60 -10.97 6.31 -23.68
C GLU E 60 -10.34 7.38 -22.79
N LEU E 61 -9.22 7.91 -23.28
CA LEU E 61 -8.46 8.90 -22.52
C LEU E 61 -9.15 10.26 -22.60
N LEU E 62 -9.03 11.03 -21.52
CA LEU E 62 -9.71 12.31 -21.41
C LEU E 62 -8.78 13.50 -21.62
N ILE E 63 -7.48 13.31 -21.51
CA ILE E 63 -6.49 14.33 -21.80
C ILE E 63 -6.04 14.14 -23.24
N ARG E 64 -5.78 15.26 -23.92
CA ARG E 64 -5.23 15.22 -25.28
C ARG E 64 -3.84 14.60 -25.27
N LYS E 65 -3.52 13.87 -26.33
CA LYS E 65 -2.32 13.02 -26.35
C LYS E 65 -1.06 13.86 -26.45
N LEU E 66 -1.03 14.83 -27.36
CA LEU E 66 0.17 15.63 -27.60
C LEU E 66 0.57 16.54 -26.44
N PRO E 67 -0.33 17.28 -25.76
CA PRO E 67 0.13 18.01 -24.56
C PRO E 67 0.65 17.13 -23.44
N PHE E 68 0.08 15.93 -23.26
CA PHE E 68 0.59 15.03 -22.24
C PHE E 68 1.95 14.48 -22.63
N GLN E 69 2.16 14.20 -23.92
CA GLN E 69 3.46 13.74 -24.38
C GLN E 69 4.52 14.82 -24.21
N ARG E 70 4.17 16.08 -24.51
CA ARG E 70 5.10 17.19 -24.31
C ARG E 70 5.40 17.40 -22.83
N LEU E 71 4.40 17.24 -21.96
CA LEU E 71 4.62 17.34 -20.52
C LEU E 71 5.53 16.23 -20.00
N VAL E 72 5.35 15.01 -20.53
CA VAL E 72 6.17 13.87 -20.13
C VAL E 72 7.62 14.09 -20.54
N ARG E 73 7.83 14.59 -21.76
CA ARG E 73 9.19 14.84 -22.23
C ARG E 73 9.84 16.00 -21.47
N GLU E 74 9.05 17.03 -21.13
CA GLU E 74 9.55 18.15 -20.33
C GLU E 74 9.98 17.70 -18.94
N ILE E 75 9.18 16.84 -18.31
CA ILE E 75 9.51 16.34 -16.98
C ILE E 75 10.73 15.43 -17.04
N ALA E 76 10.80 14.57 -18.06
CA ALA E 76 11.90 13.62 -18.14
C ALA E 76 13.22 14.27 -18.55
N GLN E 77 13.17 15.44 -19.19
CA GLN E 77 14.40 16.12 -19.54
C GLN E 77 15.16 16.67 -18.33
N ASP E 78 14.50 16.79 -17.17
CA ASP E 78 15.18 17.18 -15.94
C ASP E 78 15.92 16.03 -15.27
N PHE E 79 15.69 14.79 -15.71
CA PHE E 79 16.40 13.63 -15.16
C PHE E 79 17.51 13.14 -16.06
N LYS E 80 17.27 13.03 -17.36
CA LYS E 80 18.29 12.61 -18.31
C LYS E 80 18.02 13.29 -19.63
N THR E 81 19.05 13.94 -20.17
CA THR E 81 18.94 14.63 -21.45
C THR E 81 18.95 13.64 -22.60
N ASP E 82 18.35 14.06 -23.72
CA ASP E 82 18.29 13.30 -24.98
C ASP E 82 17.64 11.93 -24.81
N LEU E 83 16.64 11.81 -23.96
CA LEU E 83 15.95 10.56 -23.80
C LEU E 83 14.98 10.39 -24.84
N ARG E 84 14.58 9.16 -25.13
CA ARG E 84 13.58 8.96 -26.18
C ARG E 84 12.57 7.87 -25.83
N PHE E 85 11.35 8.29 -25.47
CA PHE E 85 10.36 7.33 -25.15
C PHE E 85 9.75 6.60 -26.25
N GLN E 86 9.22 5.42 -26.06
CA GLN E 86 8.36 4.75 -27.02
C GLN E 86 6.94 5.33 -26.95
N SER E 87 6.15 5.01 -27.97
CA SER E 87 4.75 5.45 -27.96
C SER E 87 3.96 4.75 -26.87
N SER E 88 4.24 3.47 -26.65
CA SER E 88 3.52 2.72 -25.61
C SER E 88 3.92 3.16 -24.22
N ALA E 89 5.12 3.71 -24.04
CA ALA E 89 5.54 4.22 -22.73
C ALA E 89 4.74 5.46 -22.35
N VAL E 90 4.58 6.39 -23.30
CA VAL E 90 3.77 7.58 -23.07
C VAL E 90 2.30 7.19 -22.92
N MET E 91 1.86 6.17 -23.66
CA MET E 91 0.49 5.70 -23.55
C MET E 91 0.20 5.13 -22.18
N ALA E 92 1.12 4.29 -21.67
CA ALA E 92 0.98 3.70 -20.33
C ALA E 92 1.02 4.77 -19.25
N LEU E 93 1.89 5.77 -19.44
CA LEU E 93 1.94 6.90 -18.51
C LEU E 93 0.62 7.67 -18.49
N GLN E 94 -0.02 7.80 -19.66
CA GLN E 94 -1.28 8.54 -19.72
C GLN E 94 -2.42 7.77 -19.05
N GLU E 95 -2.51 6.45 -19.27
CA GLU E 95 -3.55 5.68 -18.58
C GLU E 95 -3.32 5.65 -17.08
N ALA E 96 -2.06 5.55 -16.64
CA ALA E 96 -1.76 5.56 -15.21
C ALA E 96 -2.12 6.89 -14.56
N CYS E 97 -1.76 8.00 -15.21
CA CYS E 97 -2.02 9.32 -14.65
C CYS E 97 -3.51 9.63 -14.64
N GLU E 98 -4.23 9.23 -15.70
CA GLU E 98 -5.66 9.48 -15.76
C GLU E 98 -6.42 8.64 -14.74
N ALA E 99 -6.01 7.39 -14.54
CA ALA E 99 -6.65 6.55 -13.52
C ALA E 99 -6.39 7.08 -12.12
N TYR E 100 -5.16 7.54 -11.85
CA TYR E 100 -4.83 8.13 -10.56
C TYR E 100 -5.64 9.39 -10.30
N LEU E 101 -5.76 10.26 -11.32
CA LEU E 101 -6.51 11.50 -11.16
C LEU E 101 -8.00 11.25 -10.98
N VAL E 102 -8.55 10.26 -11.71
CA VAL E 102 -9.96 9.93 -11.57
C VAL E 102 -10.26 9.37 -10.18
N GLY E 103 -9.41 8.46 -9.69
CA GLY E 103 -9.62 7.90 -8.35
C GLY E 103 -9.46 8.94 -7.25
N LEU E 104 -8.51 9.86 -7.42
CA LEU E 104 -8.39 10.98 -6.49
C LEU E 104 -9.60 11.89 -6.57
N PHE E 105 -10.24 11.99 -7.74
CA PHE E 105 -11.44 12.81 -7.84
C PHE E 105 -12.64 12.15 -7.15
N GLU E 106 -12.72 10.81 -7.16
CA GLU E 106 -13.76 10.16 -6.35
C GLU E 106 -13.52 10.36 -4.86
N ASP E 107 -12.26 10.27 -4.42
CA ASP E 107 -11.96 10.50 -3.01
C ASP E 107 -12.21 11.96 -2.62
N THR E 108 -11.90 12.89 -3.52
CA THR E 108 -12.18 14.31 -3.33
C THR E 108 -13.69 14.58 -3.24
N ASN E 109 -14.47 13.90 -4.08
CA ASN E 109 -15.92 14.04 -4.03
C ASN E 109 -16.50 13.51 -2.73
N LEU E 110 -15.94 12.40 -2.22
CA LEU E 110 -16.37 11.89 -0.92
C LEU E 110 -16.04 12.86 0.21
N CYS E 111 -14.86 13.49 0.13
CA CYS E 111 -14.48 14.51 1.12
C CYS E 111 -15.39 15.73 1.04
N ALA E 112 -15.81 16.11 -0.17
CA ALA E 112 -16.71 17.25 -0.34
C ALA E 112 -18.10 16.96 0.21
N ILE E 113 -18.61 15.74 -0.05
CA ILE E 113 -19.93 15.34 0.43
C ILE E 113 -19.92 15.20 1.96
N HIS E 114 -18.79 14.78 2.53
CA HIS E 114 -18.68 14.69 3.99
C HIS E 114 -18.79 16.06 4.67
N ALA E 115 -18.36 17.12 3.98
CA ALA E 115 -18.46 18.47 4.52
C ALA E 115 -19.77 19.16 4.16
N LYS E 116 -20.77 18.39 3.75
CA LYS E 116 -22.11 18.87 3.34
C LYS E 116 -22.01 19.88 2.20
N ARG E 117 -21.26 19.51 1.17
CA ARG E 117 -21.07 20.35 0.00
C ARG E 117 -21.22 19.49 -1.25
N VAL E 118 -21.39 20.14 -2.40
CA VAL E 118 -21.31 19.49 -3.69
C VAL E 118 -20.19 20.03 -4.56
N THR E 119 -19.54 21.11 -4.14
CA THR E 119 -18.41 21.69 -4.87
C THR E 119 -17.12 21.16 -4.25
N ILE E 120 -16.29 20.53 -5.07
CA ILE E 120 -14.99 20.07 -4.59
C ILE E 120 -14.05 21.25 -4.51
N MET E 121 -13.19 21.25 -3.51
CA MET E 121 -12.29 22.35 -3.19
C MET E 121 -10.90 21.79 -2.99
N PRO E 122 -9.85 22.64 -3.07
CA PRO E 122 -8.49 22.15 -2.81
C PRO E 122 -8.27 21.54 -1.43
N LYS E 123 -9.03 21.97 -0.42
CA LYS E 123 -8.94 21.34 0.90
C LYS E 123 -9.41 19.88 0.87
N ASP E 124 -10.35 19.55 -0.02
CA ASP E 124 -10.78 18.17 -0.18
C ASP E 124 -9.70 17.31 -0.83
N ILE E 125 -9.00 17.86 -1.82
CA ILE E 125 -7.87 17.17 -2.44
C ILE E 125 -6.76 16.95 -1.42
N GLN E 126 -6.47 17.97 -0.61
CA GLN E 126 -5.44 17.85 0.41
C GLN E 126 -5.80 16.83 1.48
N LEU E 127 -7.08 16.79 1.88
CA LEU E 127 -7.50 15.80 2.87
C LEU E 127 -7.45 14.39 2.32
N ALA E 128 -7.88 14.20 1.06
CA ALA E 128 -7.83 12.87 0.46
C ALA E 128 -6.39 12.38 0.28
N ARG E 129 -5.49 13.28 -0.11
CA ARG E 129 -4.09 12.90 -0.27
C ARG E 129 -3.41 12.69 1.09
N ARG E 130 -3.96 13.32 2.12
CA ARG E 130 -3.42 13.19 3.47
C ARG E 130 -3.81 11.83 4.07
N ILE E 131 -5.06 11.43 3.85
CA ILE E 131 -5.55 10.15 4.36
C ILE E 131 -4.98 8.99 3.54
N ARG E 132 -4.87 9.18 2.22
CA ARG E 132 -4.30 8.16 1.34
C ARG E 132 -2.82 7.89 1.60
N GLY E 133 -2.11 8.82 2.25
CA GLY E 133 -0.70 8.67 2.49
C GLY E 133 0.18 9.34 1.47
N GLU E 134 -0.39 10.11 0.54
CA GLU E 134 0.40 10.81 -0.47
C GLU E 134 1.07 12.07 0.08
N ARG E 135 0.72 12.50 1.28
CA ARG E 135 1.33 13.67 1.88
C ARG E 135 1.95 13.33 3.23
N VAL F 22 14.14 21.96 -26.14
CA VAL F 22 13.99 22.43 -24.76
C VAL F 22 12.57 22.91 -24.53
N LEU F 23 11.75 22.08 -23.90
CA LEU F 23 10.37 22.41 -23.63
C LEU F 23 10.24 23.16 -22.31
N ARG F 24 9.25 24.05 -22.24
CA ARG F 24 9.02 24.81 -21.02
C ARG F 24 7.54 25.19 -20.94
N ASP F 25 6.99 25.07 -19.72
CA ASP F 25 5.60 25.40 -19.37
C ASP F 25 4.65 24.56 -20.25
N ASN F 26 4.62 23.28 -19.93
CA ASN F 26 3.73 22.34 -20.58
C ASN F 26 2.69 21.75 -19.64
N ILE F 27 2.72 22.10 -18.35
CA ILE F 27 1.67 21.71 -17.43
C ILE F 27 0.38 22.48 -17.71
N GLN F 28 0.48 23.64 -18.37
CA GLN F 28 -0.69 24.38 -18.80
C GLN F 28 -1.42 23.72 -19.96
N GLY F 29 -0.77 22.76 -20.65
CA GLY F 29 -1.42 22.00 -21.69
C GLY F 29 -2.45 21.01 -21.16
N ILE F 30 -2.40 20.69 -19.87
CA ILE F 30 -3.45 19.94 -19.21
C ILE F 30 -4.56 20.94 -18.91
N THR F 31 -5.48 21.10 -19.85
CA THR F 31 -6.40 22.23 -19.84
C THR F 31 -7.48 22.04 -18.79
N LYS F 32 -8.18 23.13 -18.50
CA LYS F 32 -9.35 23.09 -17.63
C LYS F 32 -10.47 22.15 -18.11
N PRO F 33 -10.86 22.08 -19.40
CA PRO F 33 -11.84 21.04 -19.79
C PRO F 33 -11.36 19.60 -19.59
N ALA F 34 -10.05 19.33 -19.71
CA ALA F 34 -9.55 17.99 -19.46
C ALA F 34 -9.69 17.61 -17.99
N ILE F 35 -9.38 18.54 -17.08
CA ILE F 35 -9.56 18.30 -15.65
C ILE F 35 -11.03 18.16 -15.31
N ARG F 36 -11.89 18.92 -16.00
CA ARG F 36 -13.33 18.79 -15.80
C ARG F 36 -13.84 17.43 -16.26
N ARG F 37 -13.32 16.91 -17.38
CA ARG F 37 -13.68 15.58 -17.84
C ARG F 37 -13.22 14.51 -16.86
N LEU F 38 -12.00 14.66 -16.33
CA LEU F 38 -11.49 13.71 -15.33
C LEU F 38 -12.29 13.78 -14.04
N ALA F 39 -12.87 14.94 -13.71
CA ALA F 39 -13.75 15.03 -12.56
C ALA F 39 -15.11 14.42 -12.85
N ARG F 40 -15.61 14.57 -14.09
CA ARG F 40 -16.89 13.97 -14.46
C ARG F 40 -16.81 12.44 -14.45
N ARG F 41 -15.68 11.88 -14.89
CA ARG F 41 -15.50 10.44 -14.79
C ARG F 41 -15.36 10.00 -13.33
N GLY F 42 -14.82 10.87 -12.48
CA GLY F 42 -14.77 10.62 -11.06
C GLY F 42 -16.05 10.86 -10.30
N GLY F 43 -17.09 11.35 -10.98
CA GLY F 43 -18.38 11.55 -10.36
C GLY F 43 -18.62 12.90 -9.72
N VAL F 44 -17.90 13.93 -10.16
CA VAL F 44 -17.95 15.24 -9.52
C VAL F 44 -18.95 16.11 -10.26
N LYS F 45 -19.87 16.73 -9.52
CA LYS F 45 -20.92 17.57 -10.08
C LYS F 45 -20.50 19.03 -10.21
N ARG F 46 -19.95 19.58 -9.13
CA ARG F 46 -19.49 20.97 -9.11
C ARG F 46 -17.98 21.01 -8.89
N ILE F 47 -17.33 21.96 -9.55
CA ILE F 47 -15.87 22.10 -9.46
C ILE F 47 -15.53 23.56 -9.16
N SER F 48 -14.74 23.78 -8.11
CA SER F 48 -14.29 25.13 -7.80
C SER F 48 -13.22 25.59 -8.78
N GLY F 49 -12.97 26.91 -8.78
CA GLY F 49 -12.02 27.47 -9.71
C GLY F 49 -10.57 27.24 -9.37
N LEU F 50 -10.26 26.98 -8.10
CA LEU F 50 -8.90 26.72 -7.66
C LEU F 50 -8.55 25.24 -7.71
N ILE F 51 -9.45 24.40 -8.21
CA ILE F 51 -9.20 22.97 -8.31
C ILE F 51 -8.14 22.69 -9.37
N TYR F 52 -8.12 23.46 -10.46
CA TYR F 52 -7.33 23.13 -11.64
C TYR F 52 -5.83 23.27 -11.38
N GLU F 53 -5.42 24.34 -10.69
CA GLU F 53 -4.00 24.51 -10.36
C GLU F 53 -3.52 23.44 -9.38
N GLU F 54 -4.37 23.08 -8.42
CA GLU F 54 -4.05 22.00 -7.48
C GLU F 54 -3.92 20.67 -8.19
N THR F 55 -4.80 20.41 -9.16
CA THR F 55 -4.75 19.17 -9.93
C THR F 55 -3.51 19.12 -10.81
N ARG F 56 -3.13 20.26 -11.38
CA ARG F 56 -1.89 20.34 -12.17
C ARG F 56 -0.67 20.05 -11.30
N GLY F 57 -0.64 20.59 -10.08
CA GLY F 57 0.46 20.29 -9.18
C GLY F 57 0.52 18.83 -8.75
N VAL F 58 -0.64 18.24 -8.47
CA VAL F 58 -0.70 16.84 -8.04
C VAL F 58 -0.28 15.90 -9.17
N LEU F 59 -0.80 16.16 -10.38
CA LEU F 59 -0.43 15.38 -11.56
C LEU F 59 1.05 15.54 -11.88
N LYS F 60 1.59 16.75 -11.68
CA LYS F 60 3.03 16.97 -11.87
C LYS F 60 3.86 16.14 -10.91
N VAL F 61 3.50 16.14 -9.62
CA VAL F 61 4.27 15.41 -8.60
C VAL F 61 4.24 13.90 -8.87
N PHE F 62 3.06 13.39 -9.21
CA PHE F 62 2.91 11.98 -9.57
C PHE F 62 3.74 11.62 -10.80
N LEU F 63 3.76 12.51 -11.79
CA LEU F 63 4.50 12.27 -13.01
C LEU F 63 6.01 12.27 -12.77
N GLU F 64 6.53 13.19 -11.95
CA GLU F 64 7.97 13.15 -11.66
C GLU F 64 8.36 11.91 -10.88
N ASN F 65 7.51 11.44 -9.97
CA ASN F 65 7.82 10.20 -9.24
C ASN F 65 7.90 8.99 -10.17
N VAL F 66 6.87 8.81 -11.00
CA VAL F 66 6.81 7.65 -11.91
C VAL F 66 7.91 7.74 -12.97
N ILE F 67 8.12 8.94 -13.52
CA ILE F 67 9.12 9.13 -14.56
C ILE F 67 10.53 8.97 -14.01
N ARG F 68 10.77 9.40 -12.77
CA ARG F 68 12.08 9.22 -12.14
C ARG F 68 12.40 7.75 -11.95
N ASP F 69 11.42 6.97 -11.49
CA ASP F 69 11.64 5.52 -11.36
C ASP F 69 11.84 4.85 -12.72
N ALA F 70 11.08 5.29 -13.74
CA ALA F 70 11.22 4.72 -15.08
C ALA F 70 12.56 5.05 -15.70
N VAL F 71 13.06 6.26 -15.50
CA VAL F 71 14.36 6.67 -16.00
C VAL F 71 15.48 5.94 -15.27
N THR F 72 15.31 5.67 -13.98
CA THR F 72 16.28 4.83 -13.25
C THR F 72 16.33 3.41 -13.82
N TYR F 73 15.15 2.84 -14.11
CA TYR F 73 15.08 1.52 -14.72
C TYR F 73 15.68 1.51 -16.13
N THR F 74 15.55 2.62 -16.85
CA THR F 74 16.12 2.72 -18.19
C THR F 74 17.64 2.86 -18.14
N GLU F 75 18.16 3.68 -17.22
CA GLU F 75 19.60 3.88 -17.11
C GLU F 75 20.31 2.65 -16.58
N HIS F 76 19.61 1.81 -15.82
CA HIS F 76 20.23 0.55 -15.41
C HIS F 76 20.42 -0.39 -16.58
N ALA F 77 19.55 -0.32 -17.58
CA ALA F 77 19.59 -1.18 -18.74
C ALA F 77 20.53 -0.67 -19.82
N LYS F 78 21.23 0.43 -19.53
CA LYS F 78 22.17 1.07 -20.46
C LYS F 78 21.49 1.45 -21.77
N ARG F 79 20.26 1.93 -21.67
CA ARG F 79 19.47 2.34 -22.81
C ARG F 79 19.23 3.83 -22.77
N LYS F 80 19.10 4.42 -23.96
CA LYS F 80 18.66 5.80 -24.11
C LYS F 80 17.18 5.91 -24.41
N THR F 81 16.49 4.80 -24.57
CA THR F 81 15.07 4.77 -24.90
C THR F 81 14.29 4.26 -23.70
N VAL F 82 13.32 5.06 -23.24
CA VAL F 82 12.43 4.62 -22.18
C VAL F 82 11.34 3.77 -22.79
N THR F 83 11.24 2.52 -22.35
CA THR F 83 10.27 1.58 -22.88
C THR F 83 9.03 1.56 -21.99
N ALA F 84 7.97 0.92 -22.50
CA ALA F 84 6.74 0.77 -21.73
C ALA F 84 6.94 -0.18 -20.57
N MET F 85 7.89 -1.11 -20.70
CA MET F 85 8.12 -2.09 -19.64
C MET F 85 8.74 -1.41 -18.42
N ASP F 86 9.60 -0.43 -18.64
CA ASP F 86 10.17 0.36 -17.55
C ASP F 86 9.10 1.15 -16.82
N VAL F 87 8.13 1.69 -17.56
CA VAL F 87 7.00 2.39 -16.95
C VAL F 87 6.15 1.42 -16.14
N VAL F 88 5.99 0.18 -16.63
CA VAL F 88 5.22 -0.82 -15.91
C VAL F 88 5.92 -1.23 -14.61
N TYR F 89 7.25 -1.39 -14.65
CA TYR F 89 8.00 -1.68 -13.44
C TYR F 89 7.98 -0.53 -12.45
N ALA F 90 8.03 0.70 -12.95
CA ALA F 90 7.92 1.88 -12.08
C ALA F 90 6.56 1.93 -11.40
N LEU F 91 5.49 1.68 -12.15
CA LEU F 91 4.15 1.68 -11.57
C LEU F 91 3.97 0.54 -10.58
N LYS F 92 4.57 -0.61 -10.85
CA LYS F 92 4.47 -1.76 -9.96
C LYS F 92 5.24 -1.47 -8.67
N ARG F 93 6.34 -0.75 -8.80
CA ARG F 93 7.19 -0.37 -7.68
C ARG F 93 6.43 0.58 -6.76
N GLN F 94 5.71 1.53 -7.33
CA GLN F 94 4.95 2.48 -6.52
C GLN F 94 3.58 1.96 -6.12
N GLY F 95 3.32 0.66 -6.27
CA GLY F 95 2.08 0.08 -5.82
C GLY F 95 0.88 0.39 -6.69
N ARG F 96 1.13 0.82 -7.92
CA ARG F 96 0.09 1.15 -8.88
C ARG F 96 0.28 0.31 -10.12
N THR F 97 0.03 -0.99 -9.95
CA THR F 97 0.19 -1.99 -11.00
C THR F 97 -0.77 -1.78 -12.17
N LEU F 98 -0.22 -1.75 -13.37
CA LEU F 98 -0.96 -1.44 -14.59
C LEU F 98 -1.00 -2.65 -15.50
N TYR F 99 -2.21 -3.04 -15.91
CA TYR F 99 -2.41 -4.19 -16.78
C TYR F 99 -2.58 -3.73 -18.21
N GLY F 100 -2.10 -4.56 -19.14
CA GLY F 100 -2.36 -4.34 -20.54
C GLY F 100 -1.26 -3.67 -21.33
N PHE F 101 -0.09 -3.45 -20.73
CA PHE F 101 1.02 -2.84 -21.44
C PHE F 101 2.29 -3.68 -21.34
N GLY F 102 2.14 -5.00 -21.19
CA GLY F 102 3.27 -5.89 -21.03
C GLY F 102 3.37 -6.42 -19.62
N GLY F 103 4.23 -7.42 -19.47
CA GLY F 103 4.47 -8.04 -18.18
C GLY F 103 3.33 -8.91 -17.71
N ALA G 13 47.51 -16.52 5.56
CA ALA G 13 48.10 -15.23 5.89
C ALA G 13 47.21 -14.45 6.85
N LYS G 14 47.01 -15.03 8.05
CA LYS G 14 46.38 -14.44 9.24
C LYS G 14 44.87 -14.26 9.11
N ALA G 15 44.33 -14.45 7.90
CA ALA G 15 42.89 -14.49 7.59
C ALA G 15 42.16 -13.21 8.04
N LYS G 16 42.51 -12.09 7.41
CA LYS G 16 41.82 -10.85 7.67
C LYS G 16 40.45 -10.85 7.01
N SER G 17 39.44 -10.17 7.54
CA SER G 17 38.12 -10.26 6.96
C SER G 17 37.84 -9.26 6.00
N ARG G 18 36.75 -9.43 5.33
CA ARG G 18 36.37 -8.59 4.20
C ARG G 18 35.84 -7.24 4.66
N SER G 19 35.22 -7.19 5.85
CA SER G 19 34.73 -5.94 6.39
C SER G 19 35.89 -5.00 6.73
N SER G 20 36.98 -5.54 7.27
CA SER G 20 38.16 -4.72 7.52
C SER G 20 38.86 -4.33 6.23
N ARG G 21 38.73 -5.16 5.19
CA ARG G 21 39.22 -4.79 3.87
C ARG G 21 38.45 -3.61 3.29
N ALA G 22 37.13 -3.61 3.47
CA ALA G 22 36.28 -2.53 3.01
C ALA G 22 36.18 -1.39 4.02
N GLY G 23 36.76 -1.55 5.21
CA GLY G 23 36.67 -0.53 6.24
C GLY G 23 35.27 -0.36 6.81
N LEU G 24 34.56 -1.46 7.04
CA LEU G 24 33.18 -1.43 7.51
C LEU G 24 33.08 -2.10 8.87
N GLN G 25 31.92 -1.93 9.49
CA GLN G 25 31.56 -2.66 10.70
C GLN G 25 30.55 -3.76 10.44
N PHE G 26 29.65 -3.57 9.49
CA PHE G 26 28.70 -4.60 9.12
C PHE G 26 29.41 -5.72 8.35
N PRO G 27 28.98 -6.97 8.51
CA PRO G 27 29.75 -8.10 7.95
C PRO G 27 29.54 -8.25 6.45
N VAL G 28 30.64 -8.24 5.70
CA VAL G 28 30.55 -8.53 4.28
C VAL G 28 30.26 -10.00 4.05
N GLY G 29 30.88 -10.88 4.84
CA GLY G 29 30.72 -12.31 4.64
C GLY G 29 29.33 -12.82 4.97
N ARG G 30 28.73 -12.34 6.05
CA ARG G 30 27.39 -12.75 6.41
C ARG G 30 26.36 -12.21 5.41
N VAL G 31 26.57 -11.00 4.91
CA VAL G 31 25.68 -10.42 3.90
C VAL G 31 25.81 -11.18 2.59
N HIS G 32 27.03 -11.62 2.24
CA HIS G 32 27.25 -12.47 1.08
C HIS G 32 26.54 -13.82 1.24
N ARG G 33 26.59 -14.40 2.44
CA ARG G 33 25.94 -15.68 2.67
C ARG G 33 24.42 -15.56 2.63
N LEU G 34 23.88 -14.46 3.16
CA LEU G 34 22.43 -14.24 3.12
C LEU G 34 21.96 -13.93 1.71
N LEU G 35 22.80 -13.24 0.92
CA LEU G 35 22.45 -12.97 -0.47
C LEU G 35 22.52 -14.24 -1.30
N ARG G 36 23.47 -15.12 -0.98
CA ARG G 36 23.61 -16.38 -1.71
C ARG G 36 22.46 -17.34 -1.42
N LYS G 37 22.15 -17.53 -0.14
CA LYS G 37 21.15 -18.51 0.27
C LYS G 37 19.74 -17.95 0.33
N GLY G 38 19.57 -16.65 0.11
CA GLY G 38 18.26 -16.03 0.21
C GLY G 38 17.40 -16.13 -1.02
N ASN G 39 17.85 -16.86 -2.05
CA ASN G 39 17.14 -17.10 -3.30
C ASN G 39 16.84 -15.79 -4.04
N TYR G 40 17.89 -15.03 -4.31
CA TYR G 40 17.78 -13.78 -5.04
C TYR G 40 18.33 -13.87 -6.46
N ALA G 41 19.40 -14.61 -6.67
CA ALA G 41 19.97 -14.76 -8.01
C ALA G 41 20.78 -16.05 -8.04
N GLU G 42 21.23 -16.42 -9.24
CA GLU G 42 22.09 -17.58 -9.38
C GLU G 42 23.48 -17.31 -8.86
N ARG G 43 24.00 -16.10 -9.08
CA ARG G 43 25.33 -15.71 -8.63
C ARG G 43 25.26 -14.38 -7.89
N VAL G 44 26.26 -14.15 -7.04
CA VAL G 44 26.45 -12.88 -6.34
C VAL G 44 27.84 -12.38 -6.69
N GLY G 45 27.92 -11.14 -7.15
CA GLY G 45 29.11 -10.63 -7.81
C GLY G 45 30.24 -10.15 -6.93
N ALA G 46 30.21 -10.43 -5.62
CA ALA G 46 31.30 -10.27 -4.65
C ALA G 46 31.69 -8.82 -4.37
N GLY G 47 31.11 -7.85 -5.06
CA GLY G 47 31.25 -6.46 -4.69
C GLY G 47 29.90 -5.96 -4.21
N ALA G 48 28.87 -6.72 -4.57
CA ALA G 48 27.52 -6.46 -4.06
C ALA G 48 27.38 -6.57 -2.54
N PRO G 49 27.96 -7.57 -1.83
CA PRO G 49 27.86 -7.52 -0.36
C PRO G 49 28.59 -6.35 0.27
N VAL G 50 29.67 -5.86 -0.35
CA VAL G 50 30.38 -4.69 0.17
C VAL G 50 29.49 -3.45 0.09
N TYR G 51 28.84 -3.27 -1.07
CA TYR G 51 27.92 -2.16 -1.25
C TYR G 51 26.72 -2.25 -0.32
N MET G 52 26.17 -3.46 -0.20
CA MET G 52 25.02 -3.69 0.67
C MET G 52 25.36 -3.40 2.13
N ALA G 53 26.48 -3.92 2.59
CA ALA G 53 26.92 -3.72 3.96
C ALA G 53 27.20 -2.25 4.24
N ALA G 54 27.77 -1.53 3.26
CA ALA G 54 28.00 -0.10 3.41
C ALA G 54 26.70 0.68 3.53
N VAL G 55 25.71 0.32 2.71
CA VAL G 55 24.42 1.02 2.74
C VAL G 55 23.69 0.74 4.07
N LEU G 56 23.71 -0.51 4.53
CA LEU G 56 23.11 -0.87 5.80
C LEU G 56 23.80 -0.18 6.97
N GLU G 57 25.13 -0.09 6.91
CA GLU G 57 25.89 0.58 7.97
C GLU G 57 25.62 2.08 7.98
N TYR G 58 25.48 2.69 6.80
CA TYR G 58 25.16 4.12 6.74
C TYR G 58 23.77 4.41 7.30
N LEU G 59 22.79 3.60 6.93
CA LEU G 59 21.43 3.81 7.43
C LEU G 59 21.34 3.59 8.94
N THR G 60 22.03 2.56 9.44
CA THR G 60 22.10 2.29 10.86
C THR G 60 22.78 3.44 11.60
N ALA G 61 23.87 3.99 11.04
CA ALA G 61 24.58 5.09 11.68
C ALA G 61 23.74 6.36 11.71
N GLU G 62 23.02 6.65 10.63
CA GLU G 62 22.17 7.83 10.59
C GLU G 62 21.03 7.74 11.60
N ILE G 63 20.35 6.59 11.65
CA ILE G 63 19.25 6.38 12.59
C ILE G 63 19.75 6.42 14.03
N LEU G 64 20.90 5.79 14.29
CA LEU G 64 21.44 5.75 15.65
C LEU G 64 21.95 7.12 16.10
N GLU G 65 22.50 7.91 15.18
CA GLU G 65 22.95 9.25 15.54
C GLU G 65 21.78 10.17 15.86
N LEU G 66 20.71 10.09 15.05
CA LEU G 66 19.53 10.90 15.34
C LEU G 66 18.83 10.45 16.62
N ALA G 67 18.82 9.15 16.88
CA ALA G 67 18.22 8.63 18.11
C ALA G 67 19.04 9.01 19.34
N GLY G 68 20.38 8.99 19.22
CA GLY G 68 21.21 9.43 20.32
C GLY G 68 21.09 10.92 20.60
N ASN G 69 20.91 11.72 19.53
CA ASN G 69 20.64 13.14 19.71
C ASN G 69 19.30 13.37 20.41
N ALA G 70 18.28 12.59 20.04
CA ALA G 70 16.98 12.69 20.70
C ALA G 70 17.06 12.27 22.16
N ALA G 71 17.85 11.23 22.46
CA ALA G 71 18.04 10.81 23.84
C ALA G 71 18.80 11.85 24.65
N ARG G 72 19.75 12.55 24.02
CA ARG G 72 20.48 13.59 24.71
C ARG G 72 19.60 14.81 24.97
N ASP G 73 18.72 15.15 24.03
CA ASP G 73 17.77 16.23 24.27
C ASP G 73 16.69 15.82 25.28
N ASN G 74 16.55 14.52 25.48
CA ASN G 74 15.59 13.99 26.45
C ASN G 74 16.31 13.70 27.78
N LYS G 75 17.58 14.10 27.83
CA LYS G 75 18.45 13.92 28.99
C LYS G 75 18.53 12.47 29.43
N LYS G 76 18.63 11.56 28.48
CA LYS G 76 18.79 10.14 28.74
C LYS G 76 20.05 9.61 28.08
N THR G 77 20.76 8.75 28.79
CA THR G 77 21.96 8.10 28.27
C THR G 77 21.63 6.98 27.30
N ARG G 78 20.62 6.18 27.61
CA ARG G 78 20.27 4.99 26.85
C ARG G 78 19.23 5.31 25.78
N ILE G 79 19.26 4.57 24.68
CA ILE G 79 18.28 4.73 23.62
C ILE G 79 17.16 3.71 23.83
N ILE G 80 15.92 4.20 23.88
CA ILE G 80 14.73 3.36 23.98
C ILE G 80 14.01 3.49 22.64
N PRO G 81 13.02 2.65 22.30
CA PRO G 81 12.33 2.81 21.00
C PRO G 81 11.58 4.12 20.82
N ARG G 82 11.26 4.84 21.91
CA ARG G 82 10.69 6.17 21.78
C ARG G 82 11.67 7.12 21.08
N HIS G 83 12.95 7.01 21.41
CA HIS G 83 13.96 7.85 20.76
C HIS G 83 14.12 7.49 19.28
N LEU G 84 13.98 6.21 18.95
CA LEU G 84 14.01 5.80 17.54
C LEU G 84 12.80 6.32 16.78
N GLN G 85 11.62 6.29 17.41
CA GLN G 85 10.42 6.82 16.78
C GLN G 85 10.50 8.34 16.60
N LEU G 86 11.03 9.04 17.61
CA LEU G 86 11.20 10.50 17.50
C LEU G 86 12.25 10.87 16.46
N ALA G 87 13.27 10.01 16.29
CA ALA G 87 14.26 10.25 15.26
C ALA G 87 13.69 10.00 13.87
N ILE G 88 12.85 8.98 13.72
CA ILE G 88 12.38 8.59 12.40
C ILE G 88 11.29 9.54 11.93
N ARG G 89 10.34 9.85 12.81
CA ARG G 89 9.16 10.61 12.41
C ARG G 89 9.45 12.09 12.22
N ASN G 90 10.53 12.60 12.81
CA ASN G 90 10.89 14.01 12.66
C ASN G 90 11.70 14.28 11.39
N ASP G 91 12.09 13.23 10.68
CA ASP G 91 12.84 13.36 9.44
C ASP G 91 11.93 12.97 8.29
N GLU G 92 11.92 13.78 7.23
CA GLU G 92 11.00 13.52 6.13
C GLU G 92 11.42 12.30 5.32
N GLU G 93 12.72 12.17 5.05
CA GLU G 93 13.20 11.04 4.27
C GLU G 93 13.12 9.73 5.03
N LEU G 94 13.41 9.76 6.34
CA LEU G 94 13.31 8.56 7.15
C LEU G 94 11.86 8.12 7.33
N ASN G 95 10.95 9.09 7.45
CA ASN G 95 9.53 8.75 7.53
C ASN G 95 8.98 8.27 6.19
N LYS G 96 9.55 8.75 5.09
CA LYS G 96 9.16 8.26 3.78
C LYS G 96 9.66 6.83 3.57
N LEU G 97 10.85 6.52 4.08
CA LEU G 97 11.38 5.17 3.98
C LEU G 97 10.59 4.18 4.83
N LEU G 98 10.12 4.62 6.00
CA LEU G 98 9.41 3.73 6.91
C LEU G 98 7.98 4.21 7.16
N GLY G 99 7.27 4.55 6.08
CA GLY G 99 5.90 5.02 6.22
C GLY G 99 4.94 3.92 6.67
N LYS G 100 5.09 2.72 6.13
CA LYS G 100 4.23 1.59 6.44
C LYS G 100 4.83 0.70 7.53
N VAL G 101 5.57 1.28 8.46
CA VAL G 101 6.34 0.54 9.45
C VAL G 101 5.89 0.97 10.84
N THR G 102 5.54 0.01 11.68
CA THR G 102 5.19 0.26 13.07
C THR G 102 6.38 -0.06 13.97
N ILE G 103 6.77 0.90 14.79
CA ILE G 103 7.83 0.71 15.78
C ILE G 103 7.17 0.41 17.11
N ALA G 104 7.50 -0.72 17.71
CA ALA G 104 6.89 -1.12 18.97
C ALA G 104 7.43 -0.28 20.12
N GLN G 105 6.52 0.11 21.02
CA GLN G 105 6.78 0.99 22.17
C GLN G 105 7.41 2.32 21.75
N GLY G 106 6.98 2.86 20.61
CA GLY G 106 7.55 4.09 20.09
C GLY G 106 6.62 5.27 20.27
N GLY G 107 5.33 5.02 20.45
CA GLY G 107 4.38 6.10 20.62
C GLY G 107 4.12 6.85 19.33
N VAL G 108 3.70 8.10 19.49
CA VAL G 108 3.44 8.99 18.36
C VAL G 108 4.11 10.32 18.63
N LEU G 109 4.15 11.16 17.59
CA LEU G 109 4.64 12.52 17.75
C LEU G 109 3.63 13.35 18.54
N PRO G 110 4.10 14.26 19.39
CA PRO G 110 3.17 15.20 20.02
C PRO G 110 2.62 16.20 19.02
N ASN G 111 1.34 16.07 18.67
CA ASN G 111 0.75 16.92 17.63
C ASN G 111 -0.73 17.10 17.93
N ILE G 112 -1.11 18.30 18.35
CA ILE G 112 -2.49 18.69 18.53
C ILE G 112 -2.84 19.67 17.42
N GLN G 113 -3.98 19.46 16.77
CA GLN G 113 -4.42 20.33 15.70
C GLN G 113 -4.78 21.72 16.25
N ALA G 114 -4.60 22.73 15.40
CA ALA G 114 -4.63 24.11 15.87
C ALA G 114 -6.04 24.58 16.21
N VAL G 115 -7.06 23.95 15.60
CA VAL G 115 -8.44 24.34 15.87
C VAL G 115 -8.86 23.89 17.27
N LEU G 116 -8.29 22.78 17.77
CA LEU G 116 -8.73 22.20 19.03
C LEU G 116 -8.25 23.00 20.24
N LEU G 117 -7.27 23.89 20.07
CA LEU G 117 -6.80 24.69 21.18
C LEU G 117 -7.86 25.75 21.53
N PRO G 118 -7.89 26.21 22.79
CA PRO G 118 -8.87 27.22 23.19
C PRO G 118 -8.55 28.59 22.59
N LYS G 119 -9.58 29.43 22.61
CA LYS G 119 -9.59 30.79 22.04
C LYS G 119 -9.17 30.82 20.57
N ARG H 32 20.45 -25.95 22.53
CA ARG H 32 19.82 -24.78 21.95
C ARG H 32 20.28 -24.61 20.51
N SER H 33 20.06 -23.47 19.87
CA SER H 33 20.42 -23.40 18.47
C SER H 33 21.05 -22.22 17.73
N ARG H 34 21.93 -21.45 18.38
CA ARG H 34 22.63 -20.33 17.74
C ARG H 34 21.97 -19.49 16.62
N LYS H 35 21.02 -18.65 17.01
CA LYS H 35 20.36 -17.69 16.13
C LYS H 35 21.19 -16.42 16.07
N GLU H 36 21.49 -15.96 14.86
CA GLU H 36 22.34 -14.81 14.62
C GLU H 36 21.51 -13.54 14.53
N SER H 37 22.17 -12.41 14.77
CA SER H 37 21.53 -11.10 14.73
C SER H 37 22.56 -10.07 14.32
N TYR H 38 22.18 -8.79 14.40
CA TYR H 38 23.07 -7.69 14.09
C TYR H 38 23.42 -6.87 15.32
N SER H 39 23.30 -7.44 16.52
CA SER H 39 23.37 -6.66 17.75
C SER H 39 24.77 -6.12 18.01
N ILE H 40 25.81 -6.95 17.78
CA ILE H 40 27.17 -6.50 18.01
C ILE H 40 27.58 -5.48 16.93
N TYR H 41 27.03 -5.61 15.73
CA TYR H 41 27.36 -4.71 14.64
C TYR H 41 26.72 -3.35 14.84
N VAL H 42 25.44 -3.35 15.23
CA VAL H 42 24.73 -2.11 15.55
C VAL H 42 25.34 -1.45 16.79
N TYR H 43 25.80 -2.26 17.74
CA TYR H 43 26.46 -1.70 18.93
C TYR H 43 27.81 -1.09 18.59
N LYS H 44 28.56 -1.70 17.67
CA LYS H 44 29.82 -1.13 17.20
C LYS H 44 29.60 0.19 16.48
N VAL H 45 28.55 0.25 15.65
CA VAL H 45 28.19 1.47 14.95
C VAL H 45 27.77 2.56 15.94
N LEU H 46 26.99 2.17 16.96
CA LEU H 46 26.52 3.11 17.98
C LEU H 46 27.67 3.67 18.80
N LYS H 47 28.61 2.82 19.20
CA LYS H 47 29.79 3.29 19.93
C LYS H 47 30.75 4.05 19.05
N GLN H 48 30.68 3.88 17.73
CA GLN H 48 31.40 4.72 16.80
C GLN H 48 30.81 6.11 16.64
N VAL H 49 29.48 6.22 16.57
CA VAL H 49 28.85 7.53 16.39
C VAL H 49 28.43 8.21 17.69
N HIS H 50 28.42 7.48 18.80
CA HIS H 50 28.04 8.04 20.11
C HIS H 50 28.77 7.26 21.19
N PRO H 51 30.01 7.64 21.50
CA PRO H 51 30.77 6.85 22.48
C PRO H 51 30.52 7.22 23.93
N ASP H 52 29.26 7.53 24.25
CA ASP H 52 28.75 7.63 25.62
C ASP H 52 27.37 7.02 25.76
N THR H 53 26.68 6.74 24.66
CA THR H 53 25.26 6.46 24.64
C THR H 53 25.04 4.96 24.49
N GLY H 54 24.29 4.38 25.40
CA GLY H 54 23.93 2.97 25.36
C GLY H 54 22.68 2.73 24.55
N ILE H 55 22.13 1.53 24.69
CA ILE H 55 20.93 1.14 23.98
C ILE H 55 20.24 0.06 24.80
N SER H 56 18.93 -0.07 24.61
CA SER H 56 18.16 -1.10 25.30
C SER H 56 18.01 -2.33 24.42
N SER H 57 17.43 -3.38 25.00
CA SER H 57 17.21 -4.62 24.27
C SER H 57 16.09 -4.44 23.24
N LYS H 58 15.06 -3.69 23.62
CA LYS H 58 13.95 -3.44 22.72
C LYS H 58 14.37 -2.60 21.52
N ALA H 59 15.19 -1.57 21.76
CA ALA H 59 15.72 -0.76 20.66
C ALA H 59 16.68 -1.55 19.79
N MET H 60 17.41 -2.51 20.37
CA MET H 60 18.21 -3.42 19.57
C MET H 60 17.33 -4.32 18.70
N GLY H 61 16.18 -4.75 19.23
CA GLY H 61 15.25 -5.52 18.40
C GLY H 61 14.68 -4.71 17.26
N ILE H 62 14.40 -3.42 17.51
CA ILE H 62 13.95 -2.51 16.46
C ILE H 62 15.03 -2.35 15.39
N MET H 63 16.29 -2.20 15.83
CA MET H 63 17.39 -2.03 14.89
C MET H 63 17.64 -3.29 14.06
N ASN H 64 17.53 -4.47 14.68
CA ASN H 64 17.68 -5.73 13.93
C ASN H 64 16.56 -5.90 12.92
N SER H 65 15.32 -5.56 13.30
CA SER H 65 14.20 -5.62 12.36
C SER H 65 14.38 -4.64 11.22
N PHE H 66 14.94 -3.46 11.51
CA PHE H 66 15.18 -2.46 10.48
C PHE H 66 16.22 -2.93 9.47
N VAL H 67 17.32 -3.50 9.98
CA VAL H 67 18.40 -3.97 9.09
C VAL H 67 17.92 -5.14 8.24
N ASN H 68 17.16 -6.07 8.83
CA ASN H 68 16.63 -7.19 8.06
C ASN H 68 15.61 -6.74 7.01
N ASP H 69 14.76 -5.77 7.37
CA ASP H 69 13.75 -5.28 6.43
C ASP H 69 14.38 -4.54 5.25
N ILE H 70 15.38 -3.70 5.52
CA ILE H 70 16.04 -2.96 4.45
C ILE H 70 16.90 -3.90 3.60
N PHE H 71 17.49 -4.92 4.22
CA PHE H 71 18.20 -5.96 3.47
C PHE H 71 17.28 -6.68 2.51
N GLU H 72 16.09 -7.06 2.99
CA GLU H 72 15.12 -7.76 2.15
C GLU H 72 14.63 -6.87 1.00
N ARG H 73 14.40 -5.58 1.29
CA ARG H 73 13.94 -4.65 0.25
C ARG H 73 14.98 -4.43 -0.83
N ILE H 74 16.23 -4.16 -0.44
CA ILE H 74 17.29 -3.89 -1.40
C ILE H 74 17.63 -5.16 -2.19
N ALA H 75 17.67 -6.31 -1.52
CA ALA H 75 17.98 -7.55 -2.19
C ALA H 75 16.87 -7.97 -3.15
N GLY H 76 15.60 -7.76 -2.78
CA GLY H 76 14.51 -8.06 -3.68
C GLY H 76 14.47 -7.15 -4.89
N GLU H 77 14.76 -5.86 -4.69
CA GLU H 77 14.81 -4.93 -5.82
C GLU H 77 15.98 -5.25 -6.74
N ALA H 78 17.13 -5.64 -6.18
CA ALA H 78 18.27 -6.02 -7.00
C ALA H 78 18.01 -7.33 -7.74
N SER H 79 17.28 -8.26 -7.11
CA SER H 79 16.89 -9.51 -7.76
C SER H 79 15.96 -9.24 -8.94
N ARG H 80 15.00 -8.34 -8.75
CA ARG H 80 14.10 -7.97 -9.85
C ARG H 80 14.86 -7.25 -10.96
N LEU H 81 15.82 -6.40 -10.60
CA LEU H 81 16.64 -5.70 -11.58
C LEU H 81 17.49 -6.65 -12.40
N ALA H 82 18.03 -7.68 -11.75
CA ALA H 82 18.79 -8.70 -12.49
C ALA H 82 17.87 -9.55 -13.36
N HIS H 83 16.65 -9.82 -12.90
CA HIS H 83 15.73 -10.64 -13.67
C HIS H 83 15.19 -9.89 -14.89
N TYR H 84 15.06 -8.57 -14.79
CA TYR H 84 14.51 -7.80 -15.90
C TYR H 84 15.46 -7.75 -17.10
N ASN H 85 16.76 -7.64 -16.83
CA ASN H 85 17.76 -7.44 -17.86
C ASN H 85 18.40 -8.73 -18.33
N LYS H 86 17.78 -9.88 -18.02
CA LYS H 86 18.28 -11.22 -18.34
C LYS H 86 19.71 -11.43 -17.85
N ARG H 87 19.92 -11.15 -16.56
CA ARG H 87 21.20 -11.32 -15.91
C ARG H 87 21.05 -12.34 -14.79
N SER H 88 22.05 -13.19 -14.62
CA SER H 88 21.99 -14.22 -13.59
C SER H 88 22.87 -13.91 -12.39
N THR H 89 23.41 -12.70 -12.30
CA THR H 89 24.24 -12.31 -11.17
C THR H 89 23.76 -10.98 -10.61
N ILE H 90 24.06 -10.76 -9.34
CA ILE H 90 23.80 -9.49 -8.68
C ILE H 90 25.15 -8.85 -8.41
N THR H 91 25.40 -7.71 -9.04
CA THR H 91 26.63 -6.97 -8.85
C THR H 91 26.35 -5.70 -8.07
N SER H 92 27.39 -4.89 -7.87
CA SER H 92 27.23 -3.64 -7.15
C SER H 92 26.47 -2.59 -7.96
N ARG H 93 26.38 -2.78 -9.27
CA ARG H 93 25.54 -1.89 -10.09
C ARG H 93 24.06 -2.12 -9.81
N GLU H 94 23.65 -3.37 -9.64
CA GLU H 94 22.27 -3.68 -9.28
C GLU H 94 21.94 -3.14 -7.88
N ILE H 95 22.89 -3.24 -6.95
CA ILE H 95 22.68 -2.74 -5.60
C ILE H 95 22.61 -1.22 -5.60
N GLN H 96 23.44 -0.56 -6.41
CA GLN H 96 23.40 0.89 -6.52
C GLN H 96 22.09 1.38 -7.13
N THR H 97 21.60 0.70 -8.16
CA THR H 97 20.32 1.06 -8.76
C THR H 97 19.16 0.80 -7.79
N ALA H 98 19.22 -0.29 -7.04
CA ALA H 98 18.19 -0.57 -6.04
C ALA H 98 18.18 0.48 -4.95
N VAL H 99 19.37 0.90 -4.49
CA VAL H 99 19.48 1.95 -3.47
C VAL H 99 18.93 3.26 -4.01
N ARG H 100 19.17 3.53 -5.30
CA ARG H 100 18.55 4.69 -5.94
C ARG H 100 17.03 4.57 -6.04
N LEU H 101 16.52 3.34 -6.07
CA LEU H 101 15.06 3.17 -6.18
C LEU H 101 14.35 3.26 -4.83
N LEU H 102 14.74 2.46 -3.84
CA LEU H 102 14.03 2.46 -2.56
C LEU H 102 14.26 3.74 -1.77
N LEU H 103 15.51 4.19 -1.67
CA LEU H 103 15.78 5.26 -0.74
C LEU H 103 15.40 6.62 -1.32
N PRO H 104 14.89 7.54 -0.47
CA PRO H 104 14.63 8.91 -0.92
C PRO H 104 15.91 9.70 -1.18
N GLY H 105 15.79 10.92 -1.71
CA GLY H 105 16.83 11.64 -2.41
C GLY H 105 18.23 11.77 -1.83
N GLU H 106 18.38 12.54 -0.75
CA GLU H 106 19.70 12.74 -0.16
C GLU H 106 20.15 11.48 0.58
N LEU H 107 19.18 10.73 1.09
CA LEU H 107 19.46 9.42 1.69
C LEU H 107 20.07 8.48 0.66
N ALA H 108 19.49 8.44 -0.54
CA ALA H 108 20.03 7.62 -1.62
C ALA H 108 21.38 8.13 -2.09
N LYS H 109 21.56 9.45 -2.13
CA LYS H 109 22.82 10.03 -2.58
C LYS H 109 23.97 9.69 -1.62
N HIS H 110 23.72 9.83 -0.32
CA HIS H 110 24.77 9.52 0.66
C HIS H 110 25.02 8.02 0.76
N ALA H 111 23.96 7.20 0.59
CA ALA H 111 24.17 5.75 0.60
C ALA H 111 24.94 5.28 -0.62
N VAL H 112 24.70 5.91 -1.77
CA VAL H 112 25.46 5.59 -2.98
C VAL H 112 26.92 6.00 -2.82
N SER H 113 27.16 7.15 -2.18
CA SER H 113 28.53 7.58 -1.90
C SER H 113 29.25 6.61 -0.96
N GLU H 114 28.54 6.16 0.09
CA GLU H 114 29.13 5.22 1.04
C GLU H 114 29.43 3.87 0.38
N GLY H 115 28.51 3.37 -0.44
CA GLY H 115 28.72 2.10 -1.10
C GLY H 115 29.83 2.15 -2.13
N THR H 116 29.91 3.24 -2.89
CA THR H 116 30.99 3.41 -3.86
C THR H 116 32.34 3.53 -3.18
N LYS H 117 32.40 4.26 -2.06
CA LYS H 117 33.63 4.37 -1.30
C LYS H 117 34.08 3.03 -0.74
N ALA H 118 33.13 2.23 -0.24
CA ALA H 118 33.49 0.93 0.32
C ALA H 118 33.95 -0.05 -0.76
N VAL H 119 33.28 -0.05 -1.91
CA VAL H 119 33.68 -0.95 -2.99
C VAL H 119 35.04 -0.54 -3.56
N THR H 120 35.30 0.77 -3.65
CA THR H 120 36.61 1.26 -4.08
C THR H 120 37.71 0.87 -3.10
N LYS H 121 37.42 0.96 -1.79
CA LYS H 121 38.41 0.58 -0.79
C LYS H 121 38.64 -0.93 -0.78
N TYR H 122 37.60 -1.72 -1.02
CA TYR H 122 37.73 -3.17 -1.05
C TYR H 122 38.51 -3.64 -2.27
N THR H 123 38.27 -3.00 -3.42
CA THR H 123 39.00 -3.36 -4.63
C THR H 123 40.46 -2.91 -4.55
N SER H 124 40.70 -1.71 -4.02
CA SER H 124 42.06 -1.18 -3.93
C SER H 124 42.90 -1.87 -2.87
N SER H 125 42.26 -2.68 -2.03
CA SER H 125 42.96 -3.40 -0.97
C SER H 125 42.52 -4.85 -0.91
N LYS H 126 42.82 -5.60 -1.97
CA LYS H 126 42.47 -7.01 -2.07
C LYS H 126 41.00 -7.26 -1.73
N GLU I 21 18.59 24.68 -11.49
CA GLU I 21 17.34 24.18 -10.94
C GLU I 21 17.07 24.77 -9.56
N VAL I 22 17.94 24.44 -8.60
CA VAL I 22 17.77 24.88 -7.23
C VAL I 22 18.22 26.33 -7.10
N GLN I 23 17.34 27.19 -6.60
CA GLN I 23 17.67 28.59 -6.38
C GLN I 23 16.90 29.08 -5.15
N LEU I 24 17.49 30.05 -4.47
CA LEU I 24 16.90 30.66 -3.27
C LEU I 24 16.81 32.16 -3.51
N GLN I 25 15.61 32.63 -3.83
CA GLN I 25 15.42 34.05 -4.15
C GLN I 25 15.29 34.87 -2.88
N GLN I 26 16.08 35.93 -2.78
CA GLN I 26 16.05 36.84 -1.63
C GLN I 26 15.77 38.26 -2.12
N SER I 27 15.31 39.09 -1.19
CA SER I 27 14.89 40.45 -1.52
C SER I 27 16.09 41.38 -1.67
N GLY I 28 15.81 42.66 -1.87
CA GLY I 28 16.85 43.66 -2.00
C GLY I 28 17.33 44.16 -0.65
N PRO I 29 18.16 45.20 -0.69
CA PRO I 29 18.71 45.74 0.56
C PRO I 29 17.66 46.53 1.33
N GLU I 30 17.88 46.62 2.64
CA GLU I 30 16.97 47.30 3.55
C GLU I 30 17.69 48.42 4.26
N LEU I 31 17.06 49.60 4.31
CA LEU I 31 17.54 50.75 5.07
C LEU I 31 16.53 50.95 6.21
N VAL I 32 16.85 50.41 7.38
CA VAL I 32 15.89 50.33 8.47
C VAL I 32 16.28 51.28 9.58
N GLU I 33 15.28 51.91 10.18
CA GLU I 33 15.49 52.78 11.33
C GLU I 33 15.58 51.83 12.53
N PRO I 34 16.38 52.19 13.54
CA PRO I 34 16.55 51.29 14.68
C PRO I 34 15.32 51.24 15.57
N GLY I 35 15.16 50.11 16.25
CA GLY I 35 14.02 49.88 17.12
C GLY I 35 12.83 49.24 16.44
N THR I 36 12.84 49.12 15.11
CA THR I 36 11.75 48.52 14.37
C THR I 36 12.03 47.03 14.15
N SER I 37 11.23 46.40 13.29
CA SER I 37 11.40 45.01 12.92
C SER I 37 11.43 44.88 11.40
N VAL I 38 12.18 43.90 10.91
CA VAL I 38 12.37 43.71 9.48
C VAL I 38 12.10 42.25 9.12
N LYS I 39 11.38 42.08 8.01
CA LYS I 39 11.04 40.76 7.49
C LYS I 39 11.98 40.44 6.35
N MET I 40 12.33 39.17 6.22
CA MET I 40 13.24 38.70 5.18
C MET I 40 12.63 37.49 4.49
N PRO I 41 12.40 37.55 3.19
CA PRO I 41 11.89 36.37 2.46
C PRO I 41 13.01 35.52 1.88
N CYS I 42 12.72 34.23 1.79
CA CYS I 42 13.62 33.21 1.23
C CYS I 42 12.82 32.28 0.31
N LYS I 43 12.17 32.86 -0.69
CA LYS I 43 11.40 32.11 -1.69
C LYS I 43 12.28 31.08 -2.40
N ALA I 44 11.82 29.84 -2.41
CA ALA I 44 12.60 28.69 -2.87
C ALA I 44 11.92 28.01 -4.05
N SER I 45 12.74 27.39 -4.89
CA SER I 45 12.24 26.69 -6.06
C SER I 45 13.26 25.64 -6.48
N GLY I 46 12.81 24.72 -7.34
CA GLY I 46 13.69 23.73 -7.92
C GLY I 46 13.86 22.45 -7.11
N TYR I 47 13.22 22.34 -5.96
CA TYR I 47 13.36 21.15 -5.12
C TYR I 47 12.11 21.01 -4.27
N THR I 48 11.96 19.84 -3.67
CA THR I 48 10.87 19.58 -2.73
C THR I 48 11.13 20.38 -1.45
N PHE I 49 10.27 21.36 -1.19
CA PHE I 49 10.56 22.40 -0.21
C PHE I 49 10.58 21.87 1.21
N THR I 50 9.71 20.90 1.51
CA THR I 50 9.56 20.44 2.89
C THR I 50 10.69 19.52 3.34
N SER I 51 11.46 18.96 2.42
CA SER I 51 12.46 17.95 2.76
C SER I 51 13.81 18.52 3.12
N TYR I 52 13.98 19.84 3.08
CA TYR I 52 15.27 20.47 3.33
C TYR I 52 15.08 21.61 4.32
N THR I 53 15.93 21.67 5.34
CA THR I 53 15.95 22.80 6.25
C THR I 53 16.49 24.03 5.53
N ILE I 54 16.08 25.20 6.01
CA ILE I 54 16.62 26.47 5.58
C ILE I 54 17.36 27.09 6.75
N GLN I 55 18.65 27.32 6.58
CA GLN I 55 19.53 27.92 7.57
C GLN I 55 19.68 29.40 7.25
N TRP I 56 19.98 30.19 8.28
CA TRP I 56 20.19 31.62 8.12
C TRP I 56 21.55 31.99 8.69
N VAL I 57 22.36 32.66 7.87
CA VAL I 57 23.71 33.08 8.26
C VAL I 57 23.79 34.60 8.10
N LYS I 58 24.34 35.24 9.12
CA LYS I 58 24.56 36.68 9.12
C LYS I 58 26.05 36.88 8.82
N GLN I 59 26.39 37.94 8.08
CA GLN I 59 27.78 38.19 7.71
C GLN I 59 28.07 39.67 7.89
N THR I 60 28.99 39.96 8.81
CA THR I 60 29.54 41.28 9.08
C THR I 60 31.02 41.26 8.74
N PRO I 61 31.61 42.40 8.34
CA PRO I 61 33.06 42.42 8.09
C PRO I 61 33.91 42.36 9.35
N ARG I 62 33.31 42.42 10.54
CA ARG I 62 34.09 42.40 11.77
C ARG I 62 34.04 41.05 12.48
N GLN I 63 32.89 40.35 12.49
CA GLN I 63 32.80 39.03 13.10
C GLN I 63 32.76 37.92 12.06
N GLY I 64 32.77 38.25 10.77
CA GLY I 64 32.69 37.21 9.76
C GLY I 64 31.27 36.66 9.68
N LEU I 65 31.17 35.40 9.25
CA LEU I 65 29.88 34.73 9.15
C LEU I 65 29.48 34.12 10.49
N GLU I 66 28.22 34.30 10.85
CA GLU I 66 27.66 33.75 12.07
C GLU I 66 26.38 33.01 11.74
N TRP I 67 26.28 31.76 12.18
CA TRP I 67 25.08 30.97 11.99
C TRP I 67 24.01 31.40 12.97
N ILE I 68 22.81 31.69 12.48
CA ILE I 68 21.73 32.18 13.33
C ILE I 68 20.83 31.03 13.75
N GLY I 69 20.26 30.31 12.79
CA GLY I 69 19.37 29.23 13.12
C GLY I 69 18.86 28.58 11.86
N TYR I 70 17.92 27.65 12.04
CA TYR I 70 17.30 27.00 10.91
C TYR I 70 15.84 26.68 11.20
N ILE I 71 15.09 26.58 10.10
CA ILE I 71 13.70 26.17 10.09
C ILE I 71 13.57 24.90 9.26
N TYR I 72 12.83 23.93 9.77
CA TYR I 72 12.51 22.72 9.03
C TYR I 72 11.05 22.81 8.61
N PRO I 73 10.75 22.96 7.31
CA PRO I 73 9.36 23.09 6.88
C PRO I 73 8.56 21.80 6.96
N TYR I 74 9.20 20.66 7.22
CA TYR I 74 8.45 19.41 7.33
C TYR I 74 7.61 19.40 8.61
N ASN I 75 8.17 19.84 9.72
CA ASN I 75 7.45 19.93 10.98
C ASN I 75 7.47 21.33 11.57
N ALA I 76 7.93 22.32 10.78
CA ALA I 76 8.17 23.70 11.21
C ALA I 76 9.08 23.75 12.44
N GLY I 77 10.13 22.94 12.42
CA GLY I 77 11.01 22.84 13.57
C GLY I 77 12.09 23.90 13.59
N THR I 78 12.16 24.66 14.68
CA THR I 78 13.09 25.77 14.81
C THR I 78 14.30 25.35 15.61
N LYS I 79 15.46 25.94 15.29
CA LYS I 79 16.58 25.91 16.21
C LYS I 79 17.43 27.15 16.01
N TYR I 80 17.71 27.86 17.10
CA TYR I 80 18.41 29.13 17.02
C TYR I 80 19.74 29.06 17.75
N ASN I 81 20.64 29.97 17.39
CA ASN I 81 21.86 30.18 18.16
C ASN I 81 21.50 30.85 19.49
N GLU I 82 22.39 30.66 20.48
CA GLU I 82 22.11 31.19 21.82
C GLU I 82 22.21 32.71 21.84
N LYS I 83 23.09 33.29 21.02
CA LYS I 83 23.22 34.73 20.99
C LYS I 83 22.16 35.39 20.10
N PHE I 84 21.43 34.61 19.32
CA PHE I 84 20.32 35.12 18.52
C PHE I 84 18.97 34.65 19.03
N LYS I 85 18.91 34.08 20.23
CA LYS I 85 17.66 33.58 20.77
C LYS I 85 16.77 34.73 21.19
N GLY I 86 15.55 34.75 20.67
CA GLY I 86 14.63 35.86 20.92
C GLY I 86 14.78 37.04 19.98
N LYS I 87 16.02 37.37 19.60
CA LYS I 87 16.27 38.46 18.67
C LYS I 87 15.86 38.08 17.25
N ALA I 88 15.90 36.80 16.90
CA ALA I 88 15.56 36.32 15.57
C ALA I 88 14.39 35.35 15.65
N THR I 89 13.52 35.39 14.65
CA THR I 89 12.35 34.51 14.63
C THR I 89 12.18 33.96 13.22
N LEU I 90 12.14 32.64 13.10
CA LEU I 90 12.02 31.99 11.80
C LEU I 90 10.62 31.40 11.62
N THR I 91 10.05 31.61 10.44
CA THR I 91 8.74 31.08 10.10
C THR I 91 8.77 30.50 8.69
N SER I 92 7.83 29.61 8.41
CA SER I 92 7.75 28.95 7.11
C SER I 92 6.32 29.02 6.60
N ASP I 93 6.17 29.12 5.28
CA ASP I 93 4.86 29.11 4.63
C ASP I 93 5.00 28.14 3.48
N LYS I 94 4.31 27.01 3.58
CA LYS I 94 4.44 25.93 2.60
C LYS I 94 3.60 26.14 1.35
N SER I 95 2.63 27.06 1.39
CA SER I 95 1.79 27.30 0.22
C SER I 95 2.58 28.02 -0.87
N SER I 96 3.31 29.07 -0.51
CA SER I 96 4.12 29.82 -1.46
C SER I 96 5.58 29.39 -1.44
N SER I 97 5.92 28.35 -0.66
CA SER I 97 7.28 27.80 -0.53
C SER I 97 8.28 28.86 -0.08
N THR I 98 7.93 29.60 0.98
CA THR I 98 8.69 30.75 1.40
C THR I 98 9.12 30.58 2.86
N VAL I 99 10.31 31.09 3.17
CA VAL I 99 10.84 31.10 4.53
C VAL I 99 11.05 32.56 4.94
N TYR I 100 10.45 32.94 6.06
CA TYR I 100 10.50 34.31 6.55
C TYR I 100 11.37 34.40 7.80
N MET I 101 12.11 35.49 7.88
CA MET I 101 13.02 35.76 8.99
C MET I 101 12.68 37.12 9.59
N GLU I 102 12.43 37.15 10.89
CA GLU I 102 12.03 38.36 11.58
C GLU I 102 13.16 38.82 12.49
N LEU I 103 13.57 40.07 12.35
CA LEU I 103 14.48 40.71 13.30
C LEU I 103 13.75 41.85 14.00
N SER I 104 13.70 41.78 15.33
CA SER I 104 13.04 42.78 16.15
C SER I 104 14.05 43.44 17.07
N SER I 105 13.75 44.68 17.45
CA SER I 105 14.59 45.54 18.29
C SER I 105 15.99 45.70 17.70
N LEU I 106 16.05 46.35 16.55
CA LEU I 106 17.28 46.48 15.77
C LEU I 106 18.32 47.34 16.46
N THR I 107 19.37 46.69 16.95
CA THR I 107 20.54 47.35 17.53
C THR I 107 21.39 47.86 16.35
N SER I 108 22.19 48.89 16.60
CA SER I 108 23.00 49.51 15.54
C SER I 108 24.02 48.56 14.92
N GLU I 109 24.40 47.50 15.64
CA GLU I 109 25.22 46.44 15.06
C GLU I 109 24.47 45.36 14.28
N ASP I 110 23.50 45.78 13.46
CA ASP I 110 22.74 44.87 12.61
C ASP I 110 22.99 45.11 11.14
N SER I 111 23.86 46.06 10.78
CA SER I 111 24.19 46.33 9.38
C SER I 111 25.05 45.19 8.85
N ALA I 112 24.40 44.21 8.22
CA ALA I 112 25.05 42.98 7.82
C ALA I 112 24.31 42.38 6.65
N VAL I 113 24.95 41.40 5.99
CA VAL I 113 24.34 40.70 4.87
C VAL I 113 23.78 39.38 5.40
N TYR I 114 22.51 39.13 5.11
CA TYR I 114 21.82 37.94 5.61
C TYR I 114 21.58 36.99 4.45
N TYR I 115 22.13 35.78 4.55
CA TYR I 115 21.96 34.72 3.57
C TYR I 115 21.05 33.65 4.16
N CYS I 116 20.20 33.09 3.31
CA CYS I 116 19.47 31.87 3.63
C CYS I 116 19.99 30.77 2.73
N ALA I 117 20.25 29.61 3.31
CA ALA I 117 20.88 28.51 2.62
C ALA I 117 20.08 27.23 2.81
N ARG I 118 20.06 26.40 1.77
CA ARG I 118 19.42 25.09 1.84
C ARG I 118 20.36 24.11 2.50
N LYS I 119 19.82 23.22 3.32
CA LYS I 119 20.62 22.14 3.89
C LYS I 119 19.69 20.97 4.20
N SER I 120 20.05 19.78 3.76
CA SER I 120 19.21 18.63 4.02
C SER I 120 19.26 18.24 5.50
N SER I 121 18.25 17.48 5.91
CA SER I 121 18.17 17.01 7.30
C SER I 121 19.18 15.92 7.61
N ARG I 122 19.85 15.37 6.60
CA ARG I 122 20.94 14.43 6.83
C ARG I 122 22.12 15.13 7.49
N LEU I 123 22.79 14.42 8.39
CA LEU I 123 23.86 15.02 9.17
C LEU I 123 25.09 15.25 8.31
N ARG I 124 25.31 14.40 7.31
CA ARG I 124 26.45 14.55 6.41
C ARG I 124 26.28 15.77 5.50
N SER I 125 25.05 16.10 5.14
CA SER I 125 24.76 17.20 4.22
C SER I 125 25.10 18.54 4.85
N THR I 126 25.37 19.53 4.00
CA THR I 126 25.79 20.84 4.44
C THR I 126 24.95 21.93 3.78
N LEU I 127 25.32 23.18 4.02
CA LEU I 127 24.65 24.34 3.40
C LEU I 127 25.11 24.41 1.95
N ASP I 128 24.42 23.67 1.06
CA ASP I 128 24.93 23.49 -0.29
C ASP I 128 24.62 24.67 -1.21
N TYR I 129 23.36 25.10 -1.25
CA TYR I 129 22.94 26.20 -2.11
C TYR I 129 22.55 27.38 -1.26
N TRP I 130 23.06 28.56 -1.59
CA TRP I 130 22.87 29.76 -0.81
C TRP I 130 22.06 30.78 -1.59
N GLY I 131 21.42 31.68 -0.85
CA GLY I 131 20.74 32.81 -1.47
C GLY I 131 21.69 33.96 -1.71
N GLN I 132 21.18 34.98 -2.42
CA GLN I 132 22.01 36.13 -2.77
C GLN I 132 22.28 37.02 -1.56
N GLY I 133 21.37 37.03 -0.58
CA GLY I 133 21.60 37.78 0.64
C GLY I 133 21.05 39.19 0.61
N THR I 134 20.44 39.61 1.70
CA THR I 134 19.89 40.95 1.84
C THR I 134 20.79 41.77 2.76
N SER I 135 21.19 42.96 2.31
CA SER I 135 22.06 43.83 3.09
C SER I 135 21.19 44.78 3.91
N VAL I 136 21.25 44.63 5.23
CA VAL I 136 20.42 45.42 6.13
C VAL I 136 21.30 46.45 6.81
N THR I 137 20.91 47.72 6.73
CA THR I 137 21.67 48.81 7.30
C THR I 137 20.81 49.58 8.29
N VAL I 138 21.28 49.73 9.51
CA VAL I 138 20.57 50.45 10.55
C VAL I 138 20.92 51.93 10.45
N SER I 139 19.90 52.76 10.33
CA SER I 139 20.11 54.21 10.26
C SER I 139 19.82 54.85 11.61
N ASP I 157 31.03 27.02 22.99
CA ASP I 157 30.95 26.45 21.65
C ASP I 157 32.31 25.99 21.15
N ILE I 158 32.44 25.80 19.84
CA ILE I 158 33.65 25.30 19.21
C ILE I 158 34.19 26.36 18.27
N LYS I 159 35.48 26.65 18.37
CA LYS I 159 36.08 27.69 17.54
C LYS I 159 37.09 27.21 16.51
N MET I 160 36.80 27.49 15.25
CA MET I 160 37.69 27.16 14.14
C MET I 160 38.84 28.16 14.07
N THR I 161 40.06 27.64 14.11
CA THR I 161 41.27 28.45 13.98
C THR I 161 41.88 28.14 12.62
N GLN I 162 41.95 29.17 11.78
CA GLN I 162 42.57 29.07 10.46
C GLN I 162 43.93 29.74 10.54
N SER I 163 45.00 28.96 10.33
CA SER I 163 46.36 29.44 10.54
C SER I 163 46.79 30.56 9.58
N PRO I 164 46.62 30.47 8.22
CA PRO I 164 46.96 31.65 7.41
C PRO I 164 45.79 32.61 7.31
N SER I 165 45.99 33.85 7.79
CA SER I 165 44.95 34.86 7.66
C SER I 165 44.83 35.32 6.21
N SER I 166 45.97 35.53 5.57
CA SER I 166 46.03 35.96 4.18
C SER I 166 47.35 35.48 3.58
N MET I 167 47.30 34.87 2.40
CA MET I 167 48.51 34.35 1.78
C MET I 167 48.51 34.66 0.29
N HIS I 168 49.71 34.66 -0.29
CA HIS I 168 49.90 34.95 -1.70
C HIS I 168 50.34 33.67 -2.40
N ALA I 169 49.74 33.40 -3.56
CA ALA I 169 50.05 32.22 -4.34
C ALA I 169 50.22 32.60 -5.81
N SER I 170 50.99 31.79 -6.53
CA SER I 170 51.25 32.03 -7.94
C SER I 170 50.15 31.40 -8.78
N LEU I 171 50.37 31.33 -10.09
CA LEU I 171 49.35 30.81 -11.00
C LEU I 171 49.32 29.29 -10.99
N GLY I 172 50.39 28.65 -10.51
CA GLY I 172 50.43 27.21 -10.49
C GLY I 172 50.98 26.61 -9.20
N GLU I 173 50.74 27.27 -8.07
CA GLU I 173 51.31 26.83 -6.80
C GLU I 173 50.31 25.87 -6.12
N ARG I 174 50.66 25.39 -4.94
CA ARG I 174 49.78 24.56 -4.12
C ARG I 174 49.34 25.36 -2.90
N VAL I 175 48.03 25.35 -2.61
CA VAL I 175 47.48 26.07 -1.48
C VAL I 175 46.98 25.08 -0.45
N THR I 176 47.41 25.25 0.81
CA THR I 176 46.97 24.41 1.92
C THR I 176 46.46 25.30 3.03
N ILE I 177 45.20 25.08 3.43
CA ILE I 177 44.53 25.86 4.47
C ILE I 177 44.14 24.93 5.61
N THR I 178 44.50 25.30 6.83
CA THR I 178 44.19 24.54 8.02
C THR I 178 42.95 25.12 8.71
N CYS I 179 42.16 24.26 9.34
CA CYS I 179 40.94 24.59 10.06
C CYS I 179 40.90 23.86 11.40
N LYS I 180 41.91 24.08 12.23
CA LYS I 180 42.02 23.38 13.51
C LYS I 180 40.84 23.69 14.43
N ALA I 181 40.22 22.63 14.93
CA ALA I 181 38.99 22.74 15.71
C ALA I 181 39.29 22.73 17.20
N SER I 182 38.46 23.45 17.97
CA SER I 182 38.64 23.49 19.41
C SER I 182 38.19 22.18 20.06
N GLN I 183 37.17 21.54 19.50
CA GLN I 183 36.63 20.30 20.02
C GLN I 183 36.69 19.22 18.93
N ASP I 184 36.07 18.09 19.20
CA ASP I 184 36.04 16.96 18.28
C ASP I 184 34.75 16.97 17.50
N ILE I 185 34.85 16.78 16.18
CA ILE I 185 33.71 16.61 15.30
C ILE I 185 33.96 15.38 14.45
N ARG I 186 32.88 14.63 14.18
CA ARG I 186 32.92 13.42 13.39
C ARG I 186 32.92 13.74 11.89
N SER I 187 34.02 14.33 11.45
CA SER I 187 34.24 14.73 10.05
C SER I 187 33.13 15.61 9.49
N TYR I 188 32.44 16.37 10.35
CA TYR I 188 31.32 17.20 9.92
C TYR I 188 31.80 18.63 9.68
N LEU I 189 32.62 18.77 8.64
CA LEU I 189 33.21 20.06 8.29
C LEU I 189 33.08 20.30 6.80
N SER I 190 32.77 21.55 6.43
CA SER I 190 32.57 21.93 5.05
C SER I 190 33.45 23.13 4.73
N TRP I 191 33.82 23.23 3.46
CA TRP I 191 34.67 24.28 2.94
C TRP I 191 33.90 25.07 1.90
N TYR I 192 33.90 26.40 2.05
CA TYR I 192 33.16 27.33 1.21
C TYR I 192 34.09 28.38 0.63
N GLN I 193 33.77 28.81 -0.60
CA GLN I 193 34.49 29.87 -1.29
C GLN I 193 33.52 31.02 -1.58
N GLN I 194 33.93 32.24 -1.24
CA GLN I 194 33.10 33.41 -1.45
C GLN I 194 33.87 34.47 -2.22
N LYS I 195 33.31 34.90 -3.34
CA LYS I 195 33.83 36.05 -4.07
C LYS I 195 33.41 37.33 -3.37
N PRO I 196 34.12 38.44 -3.62
CA PRO I 196 33.64 39.74 -3.12
C PRO I 196 32.29 40.10 -3.72
N TRP I 197 31.39 40.56 -2.84
CA TRP I 197 30.00 40.95 -3.15
C TRP I 197 29.22 39.83 -3.83
N LYS I 198 29.48 38.58 -3.43
CA LYS I 198 28.78 37.42 -3.98
C LYS I 198 28.43 36.47 -2.84
N SER I 199 27.53 35.53 -3.15
CA SER I 199 27.18 34.49 -2.21
C SER I 199 28.30 33.45 -2.11
N PRO I 200 28.47 32.82 -0.95
CA PRO I 200 29.46 31.75 -0.82
C PRO I 200 29.10 30.53 -1.66
N LYS I 201 30.13 29.85 -2.15
CA LYS I 201 29.99 28.66 -2.97
C LYS I 201 30.53 27.46 -2.22
N THR I 202 29.73 26.40 -2.11
CA THR I 202 30.15 25.21 -1.38
C THR I 202 31.18 24.44 -2.20
N LEU I 203 32.36 24.24 -1.62
CA LEU I 203 33.40 23.45 -2.25
C LEU I 203 33.42 22.01 -1.75
N ILE I 204 33.56 21.82 -0.45
CA ILE I 204 33.80 20.50 0.12
C ILE I 204 32.77 20.23 1.21
N TYR I 205 32.14 19.05 1.18
CA TYR I 205 31.31 18.60 2.29
C TYR I 205 31.86 17.29 2.84
N TYR I 206 31.55 17.04 4.12
CA TYR I 206 32.01 15.88 4.89
C TYR I 206 33.53 15.78 4.96
N ALA I 207 34.22 16.91 4.80
CA ALA I 207 35.66 17.14 4.95
C ALA I 207 36.52 16.48 3.88
N THR I 208 35.95 15.60 3.06
CA THR I 208 36.65 15.01 1.92
C THR I 208 35.85 15.03 0.63
N SER I 209 34.52 15.00 0.68
CA SER I 209 33.71 14.83 -0.53
C SER I 209 33.56 16.15 -1.26
N LEU I 210 33.59 16.08 -2.59
CA LEU I 210 33.46 17.27 -3.42
C LEU I 210 31.99 17.60 -3.61
N ALA I 211 31.70 18.90 -3.72
CA ALA I 211 30.35 19.34 -3.98
C ALA I 211 29.99 19.12 -5.45
N ASP I 212 28.71 19.34 -5.76
CA ASP I 212 28.22 19.18 -7.13
C ASP I 212 28.70 20.31 -8.02
N GLY I 213 29.44 19.97 -9.07
CA GLY I 213 29.96 20.96 -9.99
C GLY I 213 31.33 21.50 -9.65
N VAL I 214 31.84 21.21 -8.46
CA VAL I 214 33.18 21.69 -8.07
C VAL I 214 34.22 20.79 -8.72
N PRO I 215 35.24 21.37 -9.38
CA PRO I 215 36.27 20.53 -10.02
C PRO I 215 37.13 19.81 -9.01
N SER I 216 37.85 18.79 -9.49
CA SER I 216 38.66 17.94 -8.61
C SER I 216 39.99 18.55 -8.23
N ARG I 217 40.26 19.82 -8.59
CA ARG I 217 41.45 20.50 -8.12
C ARG I 217 41.41 20.71 -6.61
N PHE I 218 40.24 21.07 -6.09
CA PHE I 218 40.07 21.21 -4.65
C PHE I 218 40.04 19.83 -3.99
N SER I 219 40.70 19.72 -2.84
CA SER I 219 40.73 18.44 -2.13
C SER I 219 40.76 18.70 -0.64
N GLY I 220 39.76 18.19 0.07
CA GLY I 220 39.70 18.27 1.51
C GLY I 220 40.33 17.03 2.13
N SER I 221 40.87 17.22 3.33
CA SER I 221 41.51 16.12 4.05
C SER I 221 41.43 16.40 5.54
N GLY I 222 41.64 15.36 6.33
CA GLY I 222 41.65 15.49 7.77
C GLY I 222 40.35 15.04 8.40
N SER I 223 40.40 14.92 9.73
CA SER I 223 39.29 14.42 10.53
C SER I 223 39.57 14.75 11.99
N GLY I 224 38.53 14.63 12.81
CA GLY I 224 38.70 14.88 14.22
C GLY I 224 38.77 16.36 14.53
N GLN I 225 39.96 16.85 14.86
CA GLN I 225 40.17 18.25 15.12
C GLN I 225 41.05 18.94 14.08
N ASP I 226 41.72 18.20 13.21
CA ASP I 226 42.61 18.78 12.21
C ASP I 226 42.05 18.55 10.82
N PHE I 227 41.88 19.63 10.06
CA PHE I 227 41.31 19.61 8.73
C PHE I 227 42.16 20.48 7.82
N SER I 228 42.07 20.23 6.52
CA SER I 228 42.84 21.00 5.55
C SER I 228 42.13 20.99 4.20
N LEU I 229 42.26 22.10 3.49
CA LEU I 229 41.77 22.25 2.13
C LEU I 229 42.96 22.56 1.23
N THR I 230 43.05 21.86 0.10
CA THR I 230 44.17 22.00 -0.81
C THR I 230 43.66 22.40 -2.19
N ILE I 231 44.20 23.51 -2.70
CA ILE I 231 44.00 23.92 -4.08
C ILE I 231 45.20 23.46 -4.89
N ASN I 232 44.94 22.67 -5.92
CA ASN I 232 46.00 21.95 -6.64
C ASN I 232 46.74 22.89 -7.58
N ASN I 233 46.04 23.45 -8.56
CA ASN I 233 46.61 24.42 -9.48
C ASN I 233 45.67 25.62 -9.56
N LEU I 234 46.25 26.80 -9.70
CA LEU I 234 45.47 28.03 -9.53
C LEU I 234 44.94 28.53 -10.85
N GLU I 235 43.84 29.28 -10.76
CA GLU I 235 43.29 30.04 -11.88
C GLU I 235 43.10 31.47 -11.43
N SER I 236 42.59 32.31 -12.34
CA SER I 236 42.22 33.66 -11.96
C SER I 236 40.89 33.70 -11.24
N ASP I 237 40.11 32.61 -11.29
CA ASP I 237 38.83 32.55 -10.61
C ASP I 237 39.01 32.43 -9.10
N ASP I 238 40.14 31.86 -8.67
CA ASP I 238 40.33 31.48 -7.28
C ASP I 238 40.65 32.65 -6.35
N THR I 239 40.59 33.90 -6.82
CA THR I 239 40.72 35.06 -5.95
C THR I 239 39.44 35.17 -5.12
N ALA I 240 39.47 34.67 -3.89
CA ALA I 240 38.26 34.57 -3.08
C ALA I 240 38.66 34.43 -1.61
N THR I 241 37.64 34.41 -0.75
CA THR I 241 37.82 34.16 0.66
C THR I 241 37.26 32.78 0.99
N TYR I 242 38.06 31.98 1.69
CA TYR I 242 37.73 30.59 1.97
C TYR I 242 37.42 30.42 3.45
N TYR I 243 36.29 29.75 3.73
CA TYR I 243 35.80 29.53 5.08
C TYR I 243 35.58 28.05 5.31
N CYS I 244 35.63 27.65 6.58
CA CYS I 244 35.29 26.30 7.00
C CYS I 244 34.22 26.36 8.07
N LEU I 245 33.17 25.55 7.90
CA LEU I 245 32.03 25.53 8.80
C LEU I 245 31.89 24.14 9.41
N GLN I 246 31.70 24.08 10.72
CA GLN I 246 31.42 22.82 11.40
C GLN I 246 29.93 22.73 11.69
N HIS I 247 29.37 21.54 11.52
CA HIS I 247 27.99 21.27 11.89
C HIS I 247 27.88 19.93 12.59
N GLY I 248 28.86 19.62 13.43
CA GLY I 248 28.84 18.41 14.22
C GLY I 248 28.15 18.57 15.56
N GLU I 249 28.03 19.82 16.02
CA GLU I 249 27.35 20.14 17.26
C GLU I 249 26.26 21.16 16.99
N SER I 250 25.44 21.42 18.03
CA SER I 250 24.26 22.25 17.86
C SER I 250 24.52 23.71 17.49
N PRO I 251 25.53 24.45 18.07
CA PRO I 251 25.84 25.75 17.44
C PRO I 251 26.84 25.61 16.30
N TYR I 252 26.41 25.97 15.09
CA TYR I 252 27.28 25.87 13.93
C TYR I 252 28.22 27.06 13.91
N THR I 253 29.50 26.81 13.69
CA THR I 253 30.51 27.87 13.72
C THR I 253 31.30 27.89 12.41
N PHE I 254 31.46 29.07 11.85
CA PHE I 254 32.29 29.27 10.68
C PHE I 254 33.72 29.57 11.08
N GLY I 255 34.62 29.53 10.10
CA GLY I 255 35.99 29.91 10.34
C GLY I 255 36.25 31.38 10.10
N SER I 256 37.48 31.80 10.38
CA SER I 256 37.86 33.19 10.19
C SER I 256 37.96 33.55 8.71
N GLY I 257 38.48 32.65 7.89
CA GLY I 257 38.54 32.86 6.47
C GLY I 257 39.91 33.30 5.99
N THR I 258 40.28 32.84 4.80
CA THR I 258 41.56 33.19 4.17
C THR I 258 41.28 33.96 2.90
N LYS I 259 41.99 35.05 2.69
CA LYS I 259 41.92 35.82 1.45
C LYS I 259 43.02 35.33 0.51
N LEU I 260 42.63 34.82 -0.64
CA LEU I 260 43.58 34.28 -1.61
C LEU I 260 43.42 35.04 -2.92
N GLU I 261 44.48 35.78 -3.29
CA GLU I 261 44.51 36.55 -4.52
C GLU I 261 45.71 36.13 -5.35
N ILE I 262 45.51 36.06 -6.66
CA ILE I 262 46.50 35.54 -7.59
C ILE I 262 46.92 36.66 -8.54
N LYS I 263 48.23 36.89 -8.62
CA LYS I 263 48.92 37.90 -9.45
C LYS I 263 48.28 39.29 -9.43
N GLU J 21 -22.40 -21.56 12.65
CA GLU J 21 -21.73 -20.28 12.59
C GLU J 21 -22.52 -19.28 11.75
N VAL J 22 -22.88 -19.68 10.54
CA VAL J 22 -23.64 -18.84 9.63
C VAL J 22 -25.12 -19.05 9.88
N GLN J 23 -25.82 -17.96 10.21
CA GLN J 23 -27.26 -18.00 10.48
C GLN J 23 -27.97 -17.02 9.55
N LEU J 24 -29.15 -17.41 9.09
CA LEU J 24 -30.03 -16.57 8.27
C LEU J 24 -31.34 -16.45 9.02
N GLN J 25 -31.44 -15.47 9.92
CA GLN J 25 -32.64 -15.29 10.71
C GLN J 25 -33.76 -14.70 9.87
N GLN J 26 -34.99 -15.12 10.16
CA GLN J 26 -36.16 -14.63 9.45
C GLN J 26 -37.29 -14.40 10.45
N SER J 27 -38.44 -13.99 9.95
CA SER J 27 -39.59 -13.70 10.77
C SER J 27 -40.54 -14.90 10.80
N GLY J 28 -41.67 -14.72 11.48
CA GLY J 28 -42.66 -15.77 11.59
C GLY J 28 -43.61 -15.78 10.41
N PRO J 29 -44.71 -16.53 10.56
CA PRO J 29 -45.75 -16.63 9.54
C PRO J 29 -46.59 -15.37 9.51
N GLU J 30 -46.82 -14.83 8.31
CA GLU J 30 -47.60 -13.60 8.14
C GLU J 30 -48.92 -13.87 7.41
N LEU J 31 -50.02 -13.61 8.10
CA LEU J 31 -51.36 -13.80 7.56
C LEU J 31 -51.58 -12.43 6.93
N VAL J 32 -51.96 -12.40 5.65
CA VAL J 32 -52.08 -11.11 4.95
C VAL J 32 -53.34 -11.14 4.08
N GLU J 33 -54.16 -10.10 4.21
CA GLU J 33 -55.30 -9.89 3.34
C GLU J 33 -54.85 -9.42 1.97
N PRO J 34 -55.55 -9.81 0.90
CA PRO J 34 -55.11 -9.41 -0.45
C PRO J 34 -55.23 -7.91 -0.69
N GLY J 35 -54.30 -7.37 -1.47
CA GLY J 35 -54.27 -5.98 -1.87
C GLY J 35 -53.09 -5.20 -1.32
N THR J 36 -52.66 -5.50 -0.09
CA THR J 36 -51.60 -4.74 0.55
C THR J 36 -50.24 -5.38 0.21
N SER J 37 -49.18 -4.92 0.87
CA SER J 37 -47.85 -5.46 0.65
C SER J 37 -47.35 -6.14 1.92
N VAL J 38 -46.33 -6.98 1.76
CA VAL J 38 -45.75 -7.72 2.88
C VAL J 38 -44.23 -7.60 2.80
N LYS J 39 -43.60 -7.55 3.98
CA LYS J 39 -42.15 -7.40 4.15
C LYS J 39 -41.59 -8.64 4.80
N MET J 40 -40.47 -9.14 4.28
CA MET J 40 -39.77 -10.27 4.87
C MET J 40 -38.30 -9.91 5.08
N PRO J 41 -37.78 -10.03 6.29
CA PRO J 41 -36.35 -9.78 6.53
C PRO J 41 -35.51 -11.06 6.50
N CYS J 42 -34.22 -10.87 6.24
CA CYS J 42 -33.23 -11.95 6.18
C CYS J 42 -31.97 -11.53 6.94
N LYS J 43 -32.15 -11.16 8.21
CA LYS J 43 -31.03 -10.80 9.10
C LYS J 43 -29.97 -11.88 9.15
N ALA J 44 -28.76 -11.53 8.72
CA ALA J 44 -27.68 -12.47 8.49
C ALA J 44 -26.56 -12.26 9.50
N SER J 45 -25.99 -13.36 9.99
CA SER J 45 -24.91 -13.27 10.97
C SER J 45 -23.94 -14.45 10.84
N GLY J 46 -22.68 -14.18 11.14
CA GLY J 46 -21.64 -15.18 11.07
C GLY J 46 -20.70 -15.08 9.89
N TYR J 47 -20.86 -14.08 9.03
CA TYR J 47 -20.02 -13.95 7.85
C TYR J 47 -20.00 -12.50 7.40
N THR J 48 -19.06 -12.19 6.51
CA THR J 48 -18.98 -10.88 5.89
C THR J 48 -20.17 -10.69 4.95
N PHE J 49 -21.07 -9.78 5.32
CA PHE J 49 -22.39 -9.70 4.71
C PHE J 49 -22.31 -9.21 3.26
N THR J 50 -21.37 -8.33 2.97
CA THR J 50 -21.30 -7.72 1.64
C THR J 50 -20.70 -8.64 0.58
N SER J 51 -20.04 -9.73 0.96
CA SER J 51 -19.33 -10.57 0.02
C SER J 51 -20.19 -11.68 -0.56
N TYR J 52 -21.43 -11.83 -0.13
CA TYR J 52 -22.28 -12.92 -0.57
C TYR J 52 -23.64 -12.37 -0.98
N THR J 53 -24.14 -12.81 -2.13
CA THR J 53 -25.50 -12.50 -2.54
C THR J 53 -26.50 -13.20 -1.63
N ILE J 54 -27.66 -12.56 -1.46
CA ILE J 54 -28.79 -13.18 -0.79
C ILE J 54 -29.86 -13.43 -1.84
N GLN J 55 -30.21 -14.70 -2.01
CA GLN J 55 -31.20 -15.11 -3.00
C GLN J 55 -32.50 -15.54 -2.32
N TRP J 56 -33.62 -15.19 -2.94
CA TRP J 56 -34.94 -15.52 -2.43
C TRP J 56 -35.59 -16.49 -3.38
N VAL J 57 -36.11 -17.59 -2.81
CA VAL J 57 -36.92 -18.58 -3.51
C VAL J 57 -38.23 -18.72 -2.75
N LYS J 58 -39.24 -19.28 -3.42
CA LYS J 58 -40.53 -19.57 -2.81
C LYS J 58 -40.88 -21.02 -3.05
N GLN J 59 -41.69 -21.58 -2.16
CA GLN J 59 -42.09 -22.97 -2.22
C GLN J 59 -43.59 -23.08 -1.99
N THR J 60 -44.26 -23.78 -2.89
CA THR J 60 -45.69 -24.08 -2.84
C THR J 60 -45.89 -25.57 -2.99
N PRO J 61 -46.95 -26.13 -2.41
CA PRO J 61 -47.35 -27.50 -2.75
C PRO J 61 -47.65 -27.71 -4.24
N ARG J 62 -48.16 -26.69 -4.93
CA ARG J 62 -48.61 -26.86 -6.31
C ARG J 62 -47.43 -27.06 -7.27
N GLN J 63 -46.41 -26.20 -7.19
CA GLN J 63 -45.34 -26.22 -8.18
C GLN J 63 -43.95 -26.33 -7.56
N GLY J 64 -43.84 -26.54 -6.25
CA GLY J 64 -42.54 -26.76 -5.65
C GLY J 64 -41.71 -25.48 -5.54
N LEU J 65 -40.40 -25.70 -5.45
CA LEU J 65 -39.46 -24.59 -5.32
C LEU J 65 -39.29 -23.86 -6.65
N GLU J 66 -39.20 -22.54 -6.58
CA GLU J 66 -38.84 -21.74 -7.73
C GLU J 66 -38.09 -20.50 -7.26
N TRP J 67 -37.10 -20.09 -8.05
CA TRP J 67 -36.22 -19.00 -7.69
C TRP J 67 -36.88 -17.67 -8.01
N ILE J 68 -36.92 -16.77 -7.03
CA ILE J 68 -37.50 -15.45 -7.24
C ILE J 68 -36.45 -14.44 -7.67
N GLY J 69 -35.37 -14.29 -6.92
CA GLY J 69 -34.36 -13.33 -7.31
C GLY J 69 -33.20 -13.28 -6.35
N TYR J 70 -32.35 -12.26 -6.51
CA TYR J 70 -31.27 -12.06 -5.55
C TYR J 70 -30.87 -10.59 -5.50
N ILE J 71 -30.16 -10.26 -4.42
CA ILE J 71 -29.64 -8.92 -4.16
C ILE J 71 -28.20 -9.01 -3.62
N TYR J 72 -27.26 -8.40 -4.33
CA TYR J 72 -25.85 -8.38 -3.96
C TYR J 72 -25.59 -7.15 -3.13
N PRO J 73 -25.28 -7.30 -1.84
CA PRO J 73 -25.07 -6.11 -0.98
C PRO J 73 -23.77 -5.38 -1.23
N TYR J 74 -22.85 -5.92 -2.03
CA TYR J 74 -21.62 -5.21 -2.35
C TYR J 74 -21.89 -3.96 -3.19
N ASN J 75 -22.80 -4.08 -4.15
CA ASN J 75 -23.21 -2.93 -4.96
C ASN J 75 -24.72 -2.76 -4.98
N ALA J 76 -25.44 -3.49 -4.12
CA ALA J 76 -26.91 -3.55 -4.08
C ALA J 76 -27.50 -3.92 -5.44
N GLY J 77 -26.86 -4.89 -6.10
CA GLY J 77 -27.27 -5.26 -7.44
C GLY J 77 -28.32 -6.36 -7.42
N THR J 78 -29.48 -6.05 -7.98
CA THR J 78 -30.59 -6.99 -8.01
C THR J 78 -30.65 -7.74 -9.33
N LYS J 79 -31.24 -8.94 -9.26
CA LYS J 79 -31.66 -9.65 -10.46
C LYS J 79 -32.86 -10.50 -10.11
N TYR J 80 -33.93 -10.34 -10.86
CA TYR J 80 -35.19 -11.01 -10.57
C TYR J 80 -35.52 -12.04 -11.65
N ASN J 81 -36.42 -12.95 -11.30
CA ASN J 81 -37.03 -13.81 -12.29
C ASN J 81 -37.97 -12.99 -13.17
N GLU J 82 -38.20 -13.49 -14.39
CA GLU J 82 -39.06 -12.78 -15.33
C GLU J 82 -40.52 -12.79 -14.88
N LYS J 83 -40.94 -13.86 -14.22
CA LYS J 83 -42.32 -13.95 -13.74
C LYS J 83 -42.51 -13.30 -12.38
N PHE J 84 -41.45 -12.79 -11.75
CA PHE J 84 -41.56 -12.12 -10.46
C PHE J 84 -41.17 -10.65 -10.52
N LYS J 85 -40.97 -10.10 -11.72
CA LYS J 85 -40.63 -8.69 -11.83
C LYS J 85 -41.87 -7.83 -11.60
N GLY J 86 -41.77 -6.90 -10.66
CA GLY J 86 -42.91 -6.09 -10.28
C GLY J 86 -43.64 -6.66 -9.09
N LYS J 87 -43.79 -8.00 -9.07
CA LYS J 87 -44.41 -8.67 -7.94
C LYS J 87 -43.53 -8.60 -6.70
N ALA J 88 -42.22 -8.68 -6.88
CA ALA J 88 -41.27 -8.72 -5.78
C ALA J 88 -40.16 -7.72 -5.99
N THR J 89 -39.86 -6.95 -4.95
CA THR J 89 -38.73 -6.04 -4.97
C THR J 89 -37.81 -6.37 -3.79
N LEU J 90 -36.51 -6.09 -3.98
CA LEU J 90 -35.49 -6.47 -3.02
C LEU J 90 -34.66 -5.28 -2.63
N THR J 91 -34.45 -5.09 -1.33
CA THR J 91 -33.61 -4.02 -0.80
C THR J 91 -32.66 -4.58 0.23
N SER J 92 -31.62 -3.82 0.55
CA SER J 92 -30.63 -4.23 1.51
C SER J 92 -30.30 -3.09 2.46
N ASP J 93 -30.04 -3.44 3.72
CA ASP J 93 -29.60 -2.49 4.73
C ASP J 93 -28.26 -3.01 5.25
N LYS J 94 -27.19 -2.31 4.91
CA LYS J 94 -25.84 -2.75 5.24
C LYS J 94 -25.50 -2.55 6.70
N SER J 95 -26.10 -1.54 7.34
CA SER J 95 -25.78 -1.23 8.73
C SER J 95 -26.34 -2.30 9.67
N SER J 96 -27.55 -2.76 9.42
CA SER J 96 -28.17 -3.80 10.23
C SER J 96 -27.89 -5.20 9.72
N SER J 97 -27.15 -5.32 8.60
CA SER J 97 -26.84 -6.58 7.92
C SER J 97 -28.10 -7.37 7.58
N THR J 98 -29.06 -6.69 6.96
CA THR J 98 -30.36 -7.28 6.70
C THR J 98 -30.72 -7.12 5.22
N VAL J 99 -31.50 -8.06 4.71
CA VAL J 99 -32.02 -7.99 3.35
C VAL J 99 -33.54 -8.07 3.45
N TYR J 100 -34.23 -7.12 2.83
CA TYR J 100 -35.68 -7.00 2.92
C TYR J 100 -36.30 -7.33 1.58
N MET J 101 -37.40 -8.07 1.62
CA MET J 101 -38.19 -8.40 0.45
C MET J 101 -39.57 -7.79 0.57
N GLU J 102 -40.03 -7.12 -0.48
CA GLU J 102 -41.38 -6.59 -0.57
C GLU J 102 -42.15 -7.40 -1.60
N LEU J 103 -43.31 -7.92 -1.21
CA LEU J 103 -44.27 -8.46 -2.16
C LEU J 103 -45.49 -7.55 -2.16
N SER J 104 -45.88 -7.08 -3.33
CA SER J 104 -47.01 -6.18 -3.49
C SER J 104 -48.11 -6.86 -4.29
N SER J 105 -49.37 -6.53 -3.94
CA SER J 105 -50.58 -7.06 -4.57
C SER J 105 -50.64 -8.59 -4.48
N LEU J 106 -50.73 -9.08 -3.25
CA LEU J 106 -50.79 -10.51 -2.99
C LEU J 106 -52.11 -11.08 -3.49
N THR J 107 -52.03 -11.95 -4.50
CA THR J 107 -53.20 -12.61 -5.02
C THR J 107 -53.47 -13.89 -4.22
N SER J 108 -54.39 -14.72 -4.72
CA SER J 108 -54.77 -15.92 -3.97
C SER J 108 -53.68 -16.97 -3.99
N GLU J 109 -52.93 -17.07 -5.08
CA GLU J 109 -51.86 -18.07 -5.19
C GLU J 109 -50.52 -17.50 -4.73
N ASP J 110 -50.50 -16.93 -3.53
CA ASP J 110 -49.28 -16.38 -2.94
C ASP J 110 -49.01 -16.92 -1.55
N SER J 111 -49.85 -17.82 -1.03
CA SER J 111 -49.57 -18.49 0.22
C SER J 111 -48.43 -19.49 0.00
N ALA J 112 -47.25 -19.18 0.53
CA ALA J 112 -46.06 -19.95 0.20
C ALA J 112 -45.05 -19.82 1.34
N VAL J 113 -44.06 -20.71 1.31
CA VAL J 113 -42.92 -20.60 2.22
C VAL J 113 -41.81 -19.89 1.47
N TYR J 114 -41.38 -18.75 1.98
CA TYR J 114 -40.38 -17.92 1.32
C TYR J 114 -39.04 -18.10 2.03
N TYR J 115 -38.03 -18.51 1.28
CA TYR J 115 -36.70 -18.78 1.81
C TYR J 115 -35.71 -17.78 1.27
N CYS J 116 -34.79 -17.35 2.12
CA CYS J 116 -33.62 -16.60 1.71
C CYS J 116 -32.40 -17.49 1.93
N ALA J 117 -31.46 -17.41 0.99
CA ALA J 117 -30.31 -18.31 0.95
C ALA J 117 -29.06 -17.51 0.62
N ARG J 118 -28.02 -17.72 1.40
CA ARG J 118 -26.71 -17.18 1.08
C ARG J 118 -26.16 -17.90 -0.16
N LYS J 119 -25.49 -17.13 -1.01
CA LYS J 119 -24.78 -17.72 -2.15
C LYS J 119 -23.64 -16.79 -2.52
N SER J 120 -22.45 -17.34 -2.70
CA SER J 120 -21.30 -16.50 -3.03
C SER J 120 -21.41 -15.99 -4.45
N SER J 121 -20.65 -14.92 -4.74
CA SER J 121 -20.64 -14.33 -6.07
C SER J 121 -19.90 -15.19 -7.07
N ARG J 122 -19.15 -16.19 -6.61
CA ARG J 122 -18.52 -17.15 -7.51
C ARG J 122 -19.58 -17.99 -8.21
N LEU J 123 -19.33 -18.29 -9.49
CA LEU J 123 -20.32 -18.97 -10.30
C LEU J 123 -20.45 -20.43 -9.89
N ARG J 124 -19.37 -21.01 -9.37
CA ARG J 124 -19.38 -22.40 -8.93
C ARG J 124 -20.24 -22.58 -7.68
N SER J 125 -20.23 -21.58 -6.79
CA SER J 125 -20.93 -21.67 -5.51
C SER J 125 -22.45 -21.69 -5.70
N THR J 126 -23.13 -22.18 -4.68
CA THR J 126 -24.58 -22.35 -4.74
C THR J 126 -25.23 -21.85 -3.46
N LEU J 127 -26.53 -22.11 -3.30
CA LEU J 127 -27.28 -21.69 -2.11
C LEU J 127 -26.90 -22.61 -0.96
N ASP J 128 -25.77 -22.31 -0.32
CA ASP J 128 -25.21 -23.24 0.66
C ASP J 128 -25.99 -23.21 1.97
N TYR J 129 -26.39 -22.02 2.42
CA TYR J 129 -27.09 -21.85 3.69
C TYR J 129 -28.43 -21.17 3.44
N TRP J 130 -29.46 -21.60 4.17
CA TRP J 130 -30.82 -21.16 3.92
C TRP J 130 -31.41 -20.56 5.19
N GLY J 131 -32.44 -19.74 5.01
CA GLY J 131 -33.23 -19.26 6.11
C GLY J 131 -34.28 -20.25 6.54
N GLN J 132 -34.99 -19.90 7.62
CA GLN J 132 -35.97 -20.82 8.17
C GLN J 132 -37.24 -20.90 7.32
N GLY J 133 -37.57 -19.83 6.60
CA GLY J 133 -38.74 -19.84 5.74
C GLY J 133 -39.95 -19.18 6.36
N THR J 134 -40.35 -18.02 5.82
CA THR J 134 -41.52 -17.32 6.32
C THR J 134 -42.75 -17.84 5.58
N SER J 135 -43.76 -18.27 6.33
CA SER J 135 -45.00 -18.78 5.75
C SER J 135 -45.97 -17.63 5.57
N VAL J 136 -46.26 -17.28 4.32
CA VAL J 136 -47.18 -16.20 3.99
C VAL J 136 -48.50 -16.84 3.57
N THR J 137 -49.58 -16.49 4.28
CA THR J 137 -50.90 -17.07 4.05
C THR J 137 -51.86 -15.98 3.64
N VAL J 138 -52.50 -16.15 2.48
CA VAL J 138 -53.44 -15.17 1.94
C VAL J 138 -54.86 -15.67 2.18
N SER J 139 -55.68 -14.81 2.78
CA SER J 139 -57.09 -15.12 2.98
C SER J 139 -57.85 -15.15 1.66
N ASP J 157 -35.86 -20.53 -20.63
CA ASP J 157 -35.93 -21.25 -19.36
C ASP J 157 -35.55 -22.71 -19.53
N ILE J 158 -34.79 -23.24 -18.57
CA ILE J 158 -34.33 -24.62 -18.60
C ILE J 158 -35.31 -25.47 -17.79
N LYS J 159 -35.93 -26.44 -18.45
CA LYS J 159 -36.86 -27.33 -17.79
C LYS J 159 -36.09 -28.45 -17.12
N MET J 160 -36.39 -28.68 -15.84
CA MET J 160 -35.79 -29.76 -15.06
C MET J 160 -36.66 -30.99 -15.11
N THR J 161 -36.11 -32.09 -15.58
CA THR J 161 -36.81 -33.36 -15.66
C THR J 161 -36.16 -34.35 -14.70
N GLN J 162 -36.90 -34.74 -13.66
CA GLN J 162 -36.49 -35.79 -12.74
C GLN J 162 -37.36 -37.01 -13.02
N SER J 163 -36.74 -38.10 -13.47
CA SER J 163 -37.48 -39.31 -13.78
C SER J 163 -38.16 -39.98 -12.58
N PRO J 164 -37.50 -40.21 -11.40
CA PRO J 164 -38.29 -40.78 -10.29
C PRO J 164 -39.01 -39.71 -9.48
N SER J 165 -40.34 -39.77 -9.48
CA SER J 165 -41.12 -38.85 -8.65
C SER J 165 -41.06 -39.25 -7.19
N SER J 166 -41.12 -40.56 -6.92
CA SER J 166 -41.01 -41.09 -5.57
C SER J 166 -40.50 -42.51 -5.64
N MET J 167 -39.80 -42.92 -4.58
CA MET J 167 -39.26 -44.27 -4.52
C MET J 167 -39.13 -44.71 -3.07
N HIS J 168 -39.08 -46.02 -2.87
CA HIS J 168 -38.91 -46.63 -1.56
C HIS J 168 -37.59 -47.38 -1.54
N ALA J 169 -36.96 -47.43 -0.37
CA ALA J 169 -35.67 -48.10 -0.24
C ALA J 169 -35.58 -48.74 1.14
N SER J 170 -34.70 -49.73 1.25
CA SER J 170 -34.45 -50.39 2.52
C SER J 170 -33.38 -49.62 3.28
N LEU J 171 -32.83 -50.23 4.34
CA LEU J 171 -31.90 -49.54 5.22
C LEU J 171 -30.46 -49.59 4.75
N GLY J 172 -30.15 -50.27 3.64
CA GLY J 172 -28.77 -50.38 3.24
C GLY J 172 -28.48 -50.40 1.75
N GLU J 173 -29.46 -50.17 0.89
CA GLU J 173 -29.25 -50.30 -0.54
C GLU J 173 -28.79 -48.96 -1.14
N ARG J 174 -28.71 -48.91 -2.46
CA ARG J 174 -28.18 -47.77 -3.19
C ARG J 174 -29.32 -47.11 -3.97
N VAL J 175 -29.39 -45.79 -3.91
CA VAL J 175 -30.43 -45.03 -4.59
C VAL J 175 -29.79 -44.11 -5.62
N THR J 176 -30.39 -44.04 -6.80
CA THR J 176 -29.91 -43.17 -7.88
C THR J 176 -31.06 -42.29 -8.36
N ILE J 177 -30.81 -40.99 -8.43
CA ILE J 177 -31.80 -40.00 -8.81
C ILE J 177 -31.27 -39.24 -10.02
N THR J 178 -32.07 -39.17 -11.08
CA THR J 178 -31.65 -38.60 -12.35
C THR J 178 -32.26 -37.21 -12.53
N CYS J 179 -31.46 -36.27 -13.05
CA CYS J 179 -31.84 -34.87 -13.24
C CYS J 179 -31.44 -34.39 -14.63
N LYS J 180 -31.90 -35.12 -15.67
CA LYS J 180 -31.70 -34.69 -17.04
C LYS J 180 -32.34 -33.31 -17.28
N ALA J 181 -31.56 -32.41 -17.85
CA ALA J 181 -31.95 -31.02 -18.03
C ALA J 181 -32.29 -30.75 -19.49
N SER J 182 -32.87 -29.56 -19.72
CA SER J 182 -33.29 -29.18 -21.07
C SER J 182 -32.10 -28.71 -21.91
N GLN J 183 -31.43 -27.65 -21.45
CA GLN J 183 -30.32 -27.08 -22.18
C GLN J 183 -29.00 -27.53 -21.55
N ASP J 184 -27.90 -26.97 -22.04
CA ASP J 184 -26.56 -27.35 -21.58
C ASP J 184 -26.15 -26.45 -20.43
N ILE J 185 -25.82 -27.05 -19.30
CA ILE J 185 -25.24 -26.35 -18.15
C ILE J 185 -23.89 -26.99 -17.87
N ARG J 186 -22.84 -26.17 -17.79
CA ARG J 186 -21.48 -26.67 -17.65
C ARG J 186 -21.21 -26.95 -16.17
N SER J 187 -21.75 -28.09 -15.72
CA SER J 187 -21.60 -28.64 -14.36
C SER J 187 -22.13 -27.70 -13.27
N TYR J 188 -23.03 -26.79 -13.60
CA TYR J 188 -23.56 -25.84 -12.62
C TYR J 188 -24.89 -26.35 -12.09
N LEU J 189 -24.81 -27.50 -11.42
CA LEU J 189 -25.98 -28.15 -10.83
C LEU J 189 -25.72 -28.42 -9.35
N SER J 190 -26.77 -28.32 -8.55
CA SER J 190 -26.67 -28.53 -7.12
C SER J 190 -27.79 -29.44 -6.65
N TRP J 191 -27.50 -30.23 -5.63
CA TRP J 191 -28.44 -31.18 -5.05
C TRP J 191 -28.72 -30.79 -3.60
N TYR J 192 -30.01 -30.73 -3.27
CA TYR J 192 -30.51 -30.29 -1.98
C TYR J 192 -31.41 -31.35 -1.38
N GLN J 193 -31.34 -31.50 -0.05
CA GLN J 193 -32.21 -32.38 0.70
C GLN J 193 -33.10 -31.55 1.62
N GLN J 194 -34.39 -31.83 1.61
CA GLN J 194 -35.35 -31.08 2.41
C GLN J 194 -36.17 -32.04 3.25
N LYS J 195 -36.09 -31.89 4.57
CA LYS J 195 -36.99 -32.57 5.47
C LYS J 195 -38.36 -31.91 5.40
N PRO J 196 -39.43 -32.64 5.77
CA PRO J 196 -40.75 -31.99 5.86
C PRO J 196 -40.78 -30.94 6.96
N TRP J 197 -41.35 -29.77 6.61
CA TRP J 197 -41.42 -28.58 7.46
C TRP J 197 -40.05 -28.14 7.96
N LYS J 198 -39.06 -28.19 7.06
CA LYS J 198 -37.71 -27.76 7.37
C LYS J 198 -37.09 -27.12 6.14
N SER J 199 -36.06 -26.31 6.35
CA SER J 199 -35.35 -25.68 5.25
C SER J 199 -34.53 -26.71 4.48
N PRO J 200 -34.36 -26.53 3.18
CA PRO J 200 -33.51 -27.44 2.40
C PRO J 200 -32.05 -27.39 2.83
N LYS J 201 -31.39 -28.54 2.78
CA LYS J 201 -29.99 -28.68 3.17
C LYS J 201 -29.18 -28.99 1.92
N THR J 202 -28.10 -28.22 1.71
CA THR J 202 -27.26 -28.42 0.55
C THR J 202 -26.44 -29.69 0.69
N LEU J 203 -26.48 -30.53 -0.34
CA LEU J 203 -25.66 -31.73 -0.40
C LEU J 203 -24.54 -31.62 -1.41
N ILE J 204 -24.85 -31.31 -2.67
CA ILE J 204 -23.87 -31.35 -3.75
C ILE J 204 -23.83 -30.00 -4.42
N TYR J 205 -22.62 -29.45 -4.60
CA TYR J 205 -22.43 -28.27 -5.43
C TYR J 205 -21.46 -28.62 -6.55
N TYR J 206 -21.58 -27.88 -7.66
CA TYR J 206 -20.81 -28.06 -8.90
C TYR J 206 -20.96 -29.47 -9.48
N ALA J 207 -22.09 -30.13 -9.21
CA ALA J 207 -22.57 -31.41 -9.72
C ALA J 207 -21.76 -32.61 -9.22
N THR J 208 -20.63 -32.39 -8.57
CA THR J 208 -19.82 -33.47 -8.01
C THR J 208 -19.28 -33.21 -6.62
N SER J 209 -19.13 -31.96 -6.18
CA SER J 209 -18.43 -31.67 -4.95
C SER J 209 -19.37 -31.77 -3.76
N LEU J 210 -18.84 -32.29 -2.65
CA LEU J 210 -19.60 -32.38 -1.41
C LEU J 210 -19.69 -31.03 -0.72
N ALA J 211 -20.83 -30.78 -0.09
CA ALA J 211 -20.97 -29.57 0.71
C ALA J 211 -20.30 -29.77 2.07
N ASP J 212 -20.29 -28.70 2.86
CA ASP J 212 -19.63 -28.74 4.17
C ASP J 212 -20.47 -29.52 5.17
N GLY J 213 -19.86 -30.54 5.77
CA GLY J 213 -20.54 -31.38 6.74
C GLY J 213 -21.30 -32.54 6.16
N VAL J 214 -21.40 -32.63 4.84
CA VAL J 214 -22.12 -33.73 4.19
C VAL J 214 -21.20 -34.94 4.13
N PRO J 215 -21.64 -36.11 4.60
CA PRO J 215 -20.79 -37.31 4.55
C PRO J 215 -20.62 -37.81 3.12
N SER J 216 -19.75 -38.81 2.99
CA SER J 216 -19.38 -39.35 1.68
C SER J 216 -20.37 -40.35 1.13
N ARG J 217 -21.50 -40.59 1.81
CA ARG J 217 -22.54 -41.45 1.26
C ARG J 217 -23.16 -40.86 0.01
N PHE J 218 -23.41 -39.55 0.03
CA PHE J 218 -23.97 -38.86 -1.13
C PHE J 218 -22.88 -38.58 -2.14
N SER J 219 -23.17 -38.84 -3.41
CA SER J 219 -22.19 -38.65 -4.48
C SER J 219 -22.90 -38.11 -5.71
N GLY J 220 -22.48 -36.94 -6.17
CA GLY J 220 -22.99 -36.39 -7.41
C GLY J 220 -22.16 -36.82 -8.59
N SER J 221 -22.81 -36.95 -9.74
CA SER J 221 -22.12 -37.35 -10.95
C SER J 221 -22.84 -36.75 -12.16
N GLY J 222 -22.15 -36.72 -13.29
CA GLY J 222 -22.72 -36.25 -14.52
C GLY J 222 -22.25 -34.84 -14.87
N SER J 223 -22.54 -34.46 -16.11
CA SER J 223 -22.11 -33.20 -16.68
C SER J 223 -22.88 -32.94 -17.96
N GLY J 224 -22.97 -31.66 -18.33
CA GLY J 224 -23.65 -31.30 -19.55
C GLY J 224 -25.14 -31.18 -19.34
N GLN J 225 -25.88 -32.22 -19.75
CA GLN J 225 -27.31 -32.30 -19.52
C GLN J 225 -27.74 -33.42 -18.60
N ASP J 226 -26.94 -34.47 -18.46
CA ASP J 226 -27.28 -35.62 -17.63
C ASP J 226 -26.55 -35.52 -16.31
N PHE J 227 -27.31 -35.56 -15.21
CA PHE J 227 -26.78 -35.49 -13.86
C PHE J 227 -27.48 -36.53 -13.01
N SER J 228 -26.82 -36.92 -11.92
CA SER J 228 -27.38 -37.93 -11.03
C SER J 228 -26.82 -37.76 -9.62
N LEU J 229 -27.65 -38.14 -8.65
CA LEU J 229 -27.28 -38.17 -7.24
C LEU J 229 -27.39 -39.60 -6.74
N THR J 230 -26.35 -40.08 -6.07
CA THR J 230 -26.28 -41.46 -5.62
C THR J 230 -26.14 -41.49 -4.10
N ILE J 231 -27.06 -42.18 -3.44
CA ILE J 231 -26.97 -42.44 -2.00
C ILE J 231 -26.46 -43.86 -1.82
N ASN J 232 -25.35 -44.00 -1.10
CA ASN J 232 -24.63 -45.26 -1.03
C ASN J 232 -25.31 -46.25 -0.08
N ASN J 233 -25.40 -45.90 1.19
CA ASN J 233 -26.14 -46.69 2.16
C ASN J 233 -26.98 -45.74 3.00
N LEU J 234 -28.24 -46.10 3.20
CA LEU J 234 -29.16 -45.13 3.78
C LEU J 234 -29.24 -45.26 5.28
N GLU J 235 -29.83 -44.22 5.90
CA GLU J 235 -30.15 -44.22 7.31
C GLU J 235 -31.63 -43.92 7.45
N SER J 236 -32.04 -43.62 8.68
CA SER J 236 -33.42 -43.26 8.96
C SER J 236 -33.62 -41.76 8.72
N ASP J 237 -32.51 -41.04 8.52
CA ASP J 237 -32.57 -39.60 8.27
C ASP J 237 -32.59 -39.22 6.79
N ASP J 238 -32.64 -40.21 5.92
CA ASP J 238 -32.67 -39.95 4.48
C ASP J 238 -34.07 -39.86 3.93
N THR J 239 -35.10 -39.98 4.77
CA THR J 239 -36.49 -39.83 4.35
C THR J 239 -36.76 -38.35 4.12
N ALA J 240 -36.66 -37.91 2.87
CA ALA J 240 -36.67 -36.47 2.57
C ALA J 240 -37.00 -36.28 1.10
N THR J 241 -37.15 -35.02 0.70
CA THR J 241 -37.38 -34.66 -0.69
C THR J 241 -36.11 -34.05 -1.26
N TYR J 242 -35.68 -34.56 -2.41
CA TYR J 242 -34.42 -34.18 -3.02
C TYR J 242 -34.67 -33.36 -4.28
N TYR J 243 -33.96 -32.24 -4.39
CA TYR J 243 -34.13 -31.31 -5.51
C TYR J 243 -32.78 -31.07 -6.19
N CYS J 244 -32.83 -30.77 -7.48
CA CYS J 244 -31.66 -30.35 -8.24
C CYS J 244 -31.92 -28.99 -8.86
N LEU J 245 -30.95 -28.09 -8.71
CA LEU J 245 -31.08 -26.70 -9.13
C LEU J 245 -29.93 -26.34 -10.06
N GLN J 246 -30.23 -25.68 -11.18
CA GLN J 246 -29.21 -25.16 -12.06
C GLN J 246 -29.00 -23.68 -11.79
N HIS J 247 -27.76 -23.23 -11.92
CA HIS J 247 -27.47 -21.81 -11.93
C HIS J 247 -26.46 -21.49 -13.04
N GLY J 248 -26.62 -22.14 -14.18
CA GLY J 248 -25.81 -21.81 -15.34
C GLY J 248 -26.39 -20.69 -16.18
N GLU J 249 -27.71 -20.58 -16.18
CA GLU J 249 -28.39 -19.53 -16.94
C GLU J 249 -28.86 -18.42 -16.00
N SER J 250 -29.47 -17.39 -16.55
CA SER J 250 -29.96 -16.27 -15.75
C SER J 250 -31.19 -16.60 -14.89
N PRO J 251 -32.27 -17.28 -15.39
CA PRO J 251 -33.29 -17.74 -14.44
C PRO J 251 -32.95 -19.11 -13.86
N TYR J 252 -32.76 -19.19 -12.56
CA TYR J 252 -32.41 -20.45 -11.93
C TYR J 252 -33.67 -21.28 -11.76
N THR J 253 -33.60 -22.57 -12.13
CA THR J 253 -34.75 -23.45 -12.06
C THR J 253 -34.44 -24.63 -11.17
N PHE J 254 -35.38 -24.97 -10.28
CA PHE J 254 -35.25 -26.12 -9.41
C PHE J 254 -35.82 -27.37 -10.07
N GLY J 255 -35.60 -28.51 -9.42
CA GLY J 255 -36.13 -29.75 -9.91
C GLY J 255 -37.57 -29.98 -9.51
N SER J 256 -38.15 -31.05 -10.05
CA SER J 256 -39.53 -31.40 -9.71
C SER J 256 -39.62 -31.98 -8.31
N GLY J 257 -38.53 -32.57 -7.82
CA GLY J 257 -38.51 -33.11 -6.47
C GLY J 257 -38.76 -34.59 -6.43
N THR J 258 -37.89 -35.33 -5.74
CA THR J 258 -38.03 -36.77 -5.58
C THR J 258 -38.20 -37.08 -4.10
N LYS J 259 -39.29 -37.75 -3.76
CA LYS J 259 -39.56 -38.13 -2.38
C LYS J 259 -38.94 -39.49 -2.09
N LEU J 260 -38.15 -39.56 -1.02
CA LEU J 260 -37.48 -40.78 -0.62
C LEU J 260 -37.97 -41.18 0.77
N GLU J 261 -38.56 -42.36 0.85
CA GLU J 261 -39.19 -42.87 2.07
C GLU J 261 -38.50 -44.17 2.42
N ILE J 262 -38.17 -44.35 3.69
CA ILE J 262 -37.30 -45.44 4.15
C ILE J 262 -38.15 -46.53 4.77
N LYS J 263 -38.01 -47.75 4.25
CA LYS J 263 -38.70 -48.98 4.68
C LYS J 263 -40.22 -48.84 4.67
#